data_6GUN
#
_entry.id   6GUN
#
_cell.length_a   87.460
_cell.length_b   72.050
_cell.length_c   108.100
_cell.angle_alpha   90.00
_cell.angle_beta   111.97
_cell.angle_gamma   90.00
#
_symmetry.space_group_name_H-M   'P 1 21 1'
#
loop_
_entity.id
_entity.type
_entity.pdbx_description
1 polymer 'EstB from Aspergillus nidulans'
2 non-polymer GLYCEROL
3 water water
#
_entity_poly.entity_id   1
_entity_poly.type   'polypeptide(L)'
_entity_poly.pdbx_seq_one_letter_code
;GSTQIDKPAVVSLPSSEQFYLNNSRGERYLIQVSWPLHWKDHKPDTDRNDVPLIYIVDGNALFLTATEALWRRSADSHYC
GGGIVVAIGYPLEGTGKVYHRVRRGFDLTVPTPDSPVEGHGGADILLDFIAETVRPAVRERFPDVSVSREALYGHSYGGL
FALHALFTRPSMFDAYIASSPSIWWNGRCILNEAKAFTRKIKENGAYTNGEKKLPSLMMYLGGLEQDPRRWNDEPDESWE
GRKRDAEAFNMKVNLLELMGLIRGCTRLHAVSFSEYAGEDHGTVMACSLGRGFSTFMEDWPVPREESV
;
_entity_poly.pdbx_strand_id   A,B,C,D
#
loop_
_chem_comp.id
_chem_comp.type
_chem_comp.name
_chem_comp.formula
GOL non-polymer GLYCEROL 'C3 H8 O3'
#
# COMPACT_ATOMS: atom_id res chain seq x y z
N ASP A 6 9.27 37.29 25.89
CA ASP A 6 8.27 36.17 25.86
C ASP A 6 7.19 36.44 24.79
N LYS A 7 7.02 37.71 24.40
CA LYS A 7 5.98 38.16 23.45
C LYS A 7 6.11 37.42 22.12
N PRO A 8 5.00 37.28 21.35
CA PRO A 8 5.06 36.67 20.01
C PRO A 8 6.14 37.30 19.11
N ALA A 9 6.86 36.44 18.39
CA ALA A 9 7.98 36.84 17.55
C ALA A 9 7.72 36.42 16.10
N VAL A 10 8.55 36.94 15.20
CA VAL A 10 8.52 36.59 13.77
C VAL A 10 9.02 35.14 13.62
N VAL A 11 8.42 34.42 12.66
CA VAL A 11 8.84 33.08 12.31
C VAL A 11 9.95 33.18 11.25
N SER A 12 11.19 32.89 11.65
CA SER A 12 12.34 32.84 10.75
C SER A 12 12.78 31.38 10.56
N LEU A 13 13.06 31.01 9.30
CA LEU A 13 13.45 29.66 8.94
C LEU A 13 14.93 29.47 9.21
N PRO A 14 15.36 28.27 9.70
CA PRO A 14 16.77 27.88 9.67
C PRO A 14 17.14 27.26 8.32
N SER A 15 18.45 27.00 8.13
CA SER A 15 18.98 26.25 6.99
C SER A 15 18.32 26.70 5.68
N SER A 16 18.23 28.02 5.50
CA SER A 16 17.62 28.61 4.31
C SER A 16 18.09 30.07 4.17
N GLU A 17 17.93 30.61 2.96
CA GLU A 17 18.27 31.99 2.66
C GLU A 17 17.55 32.41 1.38
N GLN A 18 17.52 33.73 1.14
CA GLN A 18 16.93 34.28 -0.07
C GLN A 18 17.75 35.50 -0.52
N PHE A 19 17.74 35.72 -1.83
CA PHE A 19 18.42 36.84 -2.47
C PHE A 19 17.75 37.13 -3.81
N TYR A 20 18.00 38.33 -4.35
CA TYR A 20 17.41 38.77 -5.60
C TYR A 20 18.45 38.73 -6.72
N LEU A 21 18.05 38.17 -7.87
CA LEU A 21 18.83 38.22 -9.11
C LEU A 21 17.97 38.87 -10.20
N ASN A 22 18.64 39.50 -11.17
CA ASN A 22 18.00 40.10 -12.33
C ASN A 22 18.34 39.27 -13.57
N ASN A 23 17.37 39.16 -14.49
CA ASN A 23 17.58 38.51 -15.78
C ASN A 23 18.21 39.52 -16.74
N SER A 24 18.37 39.13 -18.01
CA SER A 24 18.96 39.95 -19.06
C SER A 24 18.21 41.28 -19.24
N ARG A 25 16.88 41.23 -19.05
CA ARG A 25 15.99 42.39 -19.25
C ARG A 25 16.03 43.33 -18.04
N GLY A 26 16.66 42.91 -16.95
CA GLY A 26 16.75 43.67 -15.70
C GLY A 26 15.56 43.45 -14.80
N GLU A 27 14.81 42.36 -15.05
CA GLU A 27 13.62 42.00 -14.29
C GLU A 27 14.05 41.23 -13.04
N ARG A 28 13.48 41.62 -11.88
CA ARG A 28 13.93 41.17 -10.56
C ARG A 28 13.21 39.87 -10.19
N TYR A 29 13.98 38.89 -9.70
CA TYR A 29 13.46 37.61 -9.21
C TYR A 29 13.92 37.38 -7.76
N LEU A 30 13.01 36.86 -6.94
CA LEU A 30 13.33 36.38 -5.60
C LEU A 30 13.75 34.90 -5.68
N ILE A 31 15.01 34.63 -5.34
CA ILE A 31 15.54 33.27 -5.25
C ILE A 31 15.57 32.88 -3.77
N GLN A 32 14.83 31.83 -3.42
CA GLN A 32 14.81 31.26 -2.08
C GLN A 32 15.45 29.86 -2.13
N VAL A 33 16.41 29.63 -1.23
CA VAL A 33 17.18 28.40 -1.18
C VAL A 33 17.05 27.80 0.22
N SER A 34 16.86 26.48 0.28
CA SER A 34 16.86 25.72 1.52
C SER A 34 17.62 24.40 1.34
N TRP A 35 18.07 23.83 2.46
CA TRP A 35 18.93 22.66 2.49
C TRP A 35 18.73 21.94 3.82
N PRO A 36 19.24 20.69 3.99
CA PRO A 36 18.97 19.91 5.19
C PRO A 36 19.35 20.62 6.51
N LEU A 37 18.58 20.35 7.57
CA LEU A 37 18.75 20.96 8.88
C LEU A 37 20.04 20.48 9.55
N HIS A 38 20.46 19.25 9.22
CA HIS A 38 21.61 18.61 9.87
C HIS A 38 22.93 19.18 9.34
N TRP A 39 22.90 19.85 8.18
CA TRP A 39 24.06 20.56 7.65
C TRP A 39 24.47 21.69 8.61
N LYS A 40 25.78 21.89 8.75
CA LYS A 40 26.34 22.96 9.58
C LYS A 40 26.73 24.12 8.66
N ASP A 41 25.94 25.20 8.74
CA ASP A 41 25.95 26.29 7.78
C ASP A 41 25.52 25.69 6.42
N HIS A 42 26.34 25.86 5.37
CA HIS A 42 26.05 25.34 4.03
C HIS A 42 26.80 24.02 3.78
N LYS A 43 27.60 23.58 4.75
CA LYS A 43 28.47 22.42 4.59
C LYS A 43 27.76 21.16 5.09
N PRO A 44 27.70 20.08 4.27
CA PRO A 44 27.20 18.79 4.73
C PRO A 44 27.91 18.28 6.00
N ASP A 45 27.13 17.68 6.91
CA ASP A 45 27.61 17.22 8.20
C ASP A 45 28.31 15.85 8.07
N THR A 46 28.11 15.18 6.92
CA THR A 46 28.68 13.87 6.65
C THR A 46 29.50 13.91 5.35
N ASP A 47 29.99 12.74 4.93
CA ASP A 47 30.68 12.55 3.66
C ASP A 47 29.67 12.54 2.51
N ARG A 48 28.37 12.38 2.83
CA ARG A 48 27.28 12.47 1.85
C ARG A 48 27.13 13.93 1.41
N ASN A 49 27.91 14.33 0.39
CA ASN A 49 28.02 15.74 -0.01
C ASN A 49 27.66 15.94 -1.50
N ASP A 50 27.26 14.88 -2.21
CA ASP A 50 26.70 15.02 -3.55
C ASP A 50 25.20 14.72 -3.46
N VAL A 51 24.38 15.75 -3.68
CA VAL A 51 22.94 15.70 -3.42
C VAL A 51 22.18 16.22 -4.63
N PRO A 52 20.93 15.73 -4.85
CA PRO A 52 20.06 16.30 -5.87
C PRO A 52 19.59 17.71 -5.52
N LEU A 53 19.25 18.49 -6.55
CA LEU A 53 18.76 19.85 -6.42
C LEU A 53 17.48 20.00 -7.26
N ILE A 54 16.50 20.73 -6.74
CA ILE A 54 15.23 20.95 -7.44
C ILE A 54 14.98 22.45 -7.59
N TYR A 55 14.67 22.86 -8.83
CA TYR A 55 14.21 24.21 -9.16
C TYR A 55 12.68 24.22 -9.21
N ILE A 56 12.07 25.21 -8.55
CA ILE A 56 10.62 25.32 -8.46
C ILE A 56 10.22 26.73 -8.94
N VAL A 57 9.47 26.77 -10.05
CA VAL A 57 8.85 28.00 -10.54
C VAL A 57 7.56 28.23 -9.73
N ASP A 58 7.08 29.47 -9.74
CA ASP A 58 6.08 29.97 -8.79
C ASP A 58 6.61 29.77 -7.37
N GLY A 59 7.84 30.27 -7.14
CA GLY A 59 8.61 30.04 -5.92
C GLY A 59 7.89 30.51 -4.67
N ASN A 60 7.14 31.62 -4.79
CA ASN A 60 6.48 32.25 -3.65
C ASN A 60 5.34 31.36 -3.12
N ALA A 61 4.83 30.47 -3.97
CA ALA A 61 3.68 29.62 -3.65
C ALA A 61 4.10 28.26 -3.10
N LEU A 62 5.36 27.85 -3.32
CA LEU A 62 5.75 26.43 -3.10
C LEU A 62 7.07 26.28 -2.32
N PHE A 63 7.77 27.37 -2.00
CA PHE A 63 9.09 27.28 -1.37
C PHE A 63 9.01 26.54 -0.03
N LEU A 64 8.06 26.95 0.82
CA LEU A 64 7.93 26.43 2.18
C LEU A 64 7.52 24.95 2.15
N THR A 65 6.64 24.60 1.20
CA THR A 65 6.15 23.23 1.03
C THR A 65 7.30 22.30 0.70
N ALA A 66 8.13 22.70 -0.28
CA ALA A 66 9.29 21.92 -0.72
C ALA A 66 10.31 21.80 0.42
N THR A 67 10.54 22.92 1.12
CA THR A 67 11.54 23.02 2.19
C THR A 67 11.19 22.07 3.33
N GLU A 68 9.93 22.11 3.79
CA GLU A 68 9.50 21.34 4.96
C GLU A 68 9.41 19.85 4.59
N ALA A 69 9.06 19.56 3.33
CA ALA A 69 9.05 18.19 2.81
C ALA A 69 10.45 17.59 2.89
N LEU A 70 11.46 18.36 2.48
CA LEU A 70 12.87 17.96 2.53
C LEU A 70 13.27 17.66 3.99
N TRP A 71 12.89 18.57 4.90
CA TRP A 71 13.26 18.47 6.32
C TRP A 71 12.62 17.25 6.97
N ARG A 72 11.32 17.03 6.69
CA ARG A 72 10.59 15.88 7.22
C ARG A 72 11.20 14.57 6.71
N ARG A 73 11.74 14.59 5.48
CA ARG A 73 12.24 13.40 4.82
C ARG A 73 13.50 12.87 5.51
N SER A 74 14.22 13.75 6.23
CA SER A 74 15.41 13.38 6.98
C SER A 74 15.09 12.31 8.03
N ALA A 75 13.82 12.24 8.45
CA ALA A 75 13.34 11.30 9.47
C ALA A 75 12.94 9.95 8.87
N ASP A 76 12.83 9.88 7.54
CA ASP A 76 12.35 8.67 6.85
C ASP A 76 13.54 7.74 6.59
N SER A 77 13.25 6.42 6.55
CA SER A 77 14.26 5.37 6.36
C SER A 77 14.86 5.44 4.95
N HIS A 78 14.06 5.91 3.99
CA HIS A 78 14.41 5.91 2.57
C HIS A 78 15.13 7.22 2.18
N TYR A 79 15.36 8.10 3.16
CA TYR A 79 16.07 9.36 2.99
C TYR A 79 17.37 9.13 2.18
N CYS A 80 17.58 9.97 1.15
CA CYS A 80 18.72 9.82 0.24
C CYS A 80 20.00 10.42 0.87
N GLY A 81 19.83 11.24 1.92
CA GLY A 81 20.94 11.81 2.67
C GLY A 81 20.96 13.34 2.63
N GLY A 82 20.30 13.92 1.63
CA GLY A 82 20.22 15.38 1.49
C GLY A 82 19.63 15.81 0.17
N GLY A 83 19.35 17.11 0.06
CA GLY A 83 18.83 17.74 -1.15
C GLY A 83 18.81 19.25 -1.00
N ILE A 84 18.76 19.96 -2.14
CA ILE A 84 18.72 21.42 -2.16
C ILE A 84 17.47 21.87 -2.92
N VAL A 85 16.76 22.83 -2.33
CA VAL A 85 15.56 23.43 -2.92
C VAL A 85 15.92 24.84 -3.40
N VAL A 86 15.56 25.14 -4.66
CA VAL A 86 15.70 26.47 -5.24
C VAL A 86 14.33 26.92 -5.76
N ALA A 87 13.72 27.87 -5.07
CA ALA A 87 12.44 28.43 -5.46
C ALA A 87 12.67 29.73 -6.25
N ILE A 88 12.25 29.74 -7.51
CA ILE A 88 12.35 30.89 -8.40
C ILE A 88 11.02 31.65 -8.35
N GLY A 89 11.01 32.77 -7.61
CA GLY A 89 9.80 33.55 -7.38
C GLY A 89 9.98 35.00 -7.77
N TYR A 90 9.02 35.84 -7.35
CA TYR A 90 8.95 37.26 -7.69
C TYR A 90 8.88 38.09 -6.42
N PRO A 91 9.23 39.39 -6.46
CA PRO A 91 9.11 40.26 -5.28
C PRO A 91 7.62 40.56 -4.99
N LEU A 92 7.08 39.87 -3.98
CA LEU A 92 5.66 39.99 -3.60
C LEU A 92 5.53 40.38 -2.13
N GLU A 93 6.56 41.06 -1.59
CA GLU A 93 6.57 41.49 -0.20
C GLU A 93 5.48 42.56 0.00
N GLY A 94 4.49 42.25 0.84
CA GLY A 94 3.44 43.18 1.24
C GLY A 94 2.33 43.31 0.22
N THR A 95 2.25 42.36 -0.73
CA THR A 95 1.20 42.33 -1.75
C THR A 95 0.03 41.45 -1.26
N GLY A 96 0.33 40.48 -0.39
CA GLY A 96 -0.64 39.52 0.11
C GLY A 96 -0.93 38.43 -0.90
N LYS A 97 0.03 38.18 -1.80
CA LYS A 97 -0.13 37.26 -2.94
C LYS A 97 1.05 36.29 -3.01
N VAL A 98 0.80 35.12 -3.61
CA VAL A 98 1.81 34.07 -3.79
C VAL A 98 2.07 33.82 -5.28
N TYR A 99 1.34 34.52 -6.15
CA TYR A 99 1.56 34.48 -7.60
C TYR A 99 1.71 35.91 -8.13
N HIS A 100 2.62 36.10 -9.10
CA HIS A 100 2.69 37.30 -9.90
C HIS A 100 2.04 37.01 -11.26
N ARG A 101 0.81 37.46 -11.43
CA ARG A 101 -0.07 37.06 -12.54
C ARG A 101 0.56 37.43 -13.89
N VAL A 102 1.01 38.68 -14.01
CA VAL A 102 1.53 39.23 -15.27
C VAL A 102 2.88 38.57 -15.60
N ARG A 103 3.78 38.55 -14.62
CA ARG A 103 5.16 38.05 -14.80
C ARG A 103 5.13 36.55 -15.14
N ARG A 104 4.39 35.76 -14.36
CA ARG A 104 4.34 34.30 -14.54
C ARG A 104 3.59 34.00 -15.85
N GLY A 105 2.61 34.83 -16.20
CA GLY A 105 1.90 34.75 -17.47
C GLY A 105 2.86 34.78 -18.65
N PHE A 106 3.81 35.71 -18.61
CA PHE A 106 4.84 35.83 -19.64
C PHE A 106 5.88 34.73 -19.49
N ASP A 107 6.41 34.57 -18.27
CA ASP A 107 7.61 33.77 -18.00
C ASP A 107 7.40 32.29 -18.32
N LEU A 108 6.20 31.76 -18.04
CA LEU A 108 5.97 30.32 -18.03
C LEU A 108 5.30 29.84 -19.32
N THR A 109 4.85 30.75 -20.18
CA THR A 109 4.13 30.38 -21.42
C THR A 109 5.12 30.28 -22.58
N VAL A 110 4.72 29.53 -23.61
CA VAL A 110 5.57 29.06 -24.71
C VAL A 110 5.65 30.13 -25.80
N PRO A 111 6.85 30.41 -26.35
CA PRO A 111 6.96 31.29 -27.52
C PRO A 111 6.32 30.66 -28.76
N THR A 112 5.54 31.46 -29.50
CA THR A 112 4.94 31.07 -30.77
C THR A 112 5.27 32.14 -31.81
N PRO A 113 6.51 32.14 -32.37
CA PRO A 113 6.95 33.21 -33.26
C PRO A 113 6.13 33.34 -34.56
N ASP A 114 5.50 32.25 -35.01
CA ASP A 114 4.66 32.25 -36.21
C ASP A 114 3.41 33.12 -35.98
N SER A 115 2.92 33.16 -34.73
CA SER A 115 1.77 33.98 -34.35
C SER A 115 1.92 34.43 -32.91
N PRO A 116 2.64 35.55 -32.64
CA PRO A 116 2.91 36.01 -31.28
C PRO A 116 1.63 36.29 -30.45
N VAL A 117 1.76 36.07 -29.14
CA VAL A 117 0.67 36.24 -28.18
C VAL A 117 1.10 37.30 -27.15
N GLU A 118 0.41 38.45 -27.16
CA GLU A 118 0.73 39.59 -26.31
C GLU A 118 0.68 39.18 -24.83
N GLY A 119 1.75 39.48 -24.10
CA GLY A 119 1.86 39.23 -22.67
C GLY A 119 2.24 37.79 -22.35
N HIS A 120 2.70 37.04 -23.35
CA HIS A 120 3.00 35.62 -23.22
C HIS A 120 4.20 35.24 -24.11
N GLY A 121 4.80 34.08 -23.80
CA GLY A 121 5.85 33.47 -24.62
C GLY A 121 7.25 33.85 -24.16
N GLY A 122 7.46 33.95 -22.85
CA GLY A 122 8.73 34.38 -22.27
C GLY A 122 9.52 33.23 -21.64
N ALA A 123 9.20 31.99 -22.04
CA ALA A 123 9.79 30.78 -21.43
C ALA A 123 11.29 30.70 -21.71
N ASP A 124 11.70 31.01 -22.94
CA ASP A 124 13.10 30.91 -23.36
C ASP A 124 13.96 31.93 -22.61
N ILE A 125 13.39 33.11 -22.33
CA ILE A 125 14.08 34.15 -21.57
C ILE A 125 14.33 33.64 -20.14
N LEU A 126 13.31 32.99 -19.55
CA LEU A 126 13.42 32.46 -18.19
C LEU A 126 14.42 31.30 -18.14
N LEU A 127 14.38 30.41 -19.15
CA LEU A 127 15.29 29.26 -19.22
C LEU A 127 16.74 29.75 -19.33
N ASP A 128 16.96 30.80 -20.14
CA ASP A 128 18.28 31.42 -20.28
C ASP A 128 18.73 31.94 -18.90
N PHE A 129 17.81 32.59 -18.18
CA PHE A 129 18.07 33.17 -16.86
C PHE A 129 18.50 32.08 -15.87
N ILE A 130 17.84 30.91 -15.91
CA ILE A 130 18.13 29.80 -14.99
C ILE A 130 19.53 29.24 -15.29
N ALA A 131 19.82 29.01 -16.58
CA ALA A 131 21.10 28.43 -17.01
C ALA A 131 22.26 29.39 -16.73
N GLU A 132 22.08 30.66 -17.10
CA GLU A 132 23.16 31.64 -17.14
C GLU A 132 23.42 32.25 -15.74
N THR A 133 22.35 32.46 -14.96
CA THR A 133 22.43 33.31 -13.77
C THR A 133 22.08 32.54 -12.49
N VAL A 134 20.90 31.90 -12.44
CA VAL A 134 20.39 31.30 -11.21
C VAL A 134 21.31 30.15 -10.78
N ARG A 135 21.54 29.20 -11.71
CA ARG A 135 22.28 27.97 -11.41
C ARG A 135 23.64 28.33 -10.81
N PRO A 136 24.52 29.08 -11.51
CA PRO A 136 25.83 29.44 -10.97
C PRO A 136 25.78 30.17 -9.61
N ALA A 137 24.77 31.03 -9.43
CA ALA A 137 24.61 31.80 -8.20
C ALA A 137 24.35 30.88 -7.01
N VAL A 138 23.55 29.83 -7.24
CA VAL A 138 23.19 28.86 -6.20
C VAL A 138 24.40 28.00 -5.84
N ARG A 139 25.20 27.61 -6.85
CA ARG A 139 26.39 26.77 -6.64
C ARG A 139 27.45 27.53 -5.84
N GLU A 140 27.51 28.85 -6.03
CA GLU A 140 28.43 29.74 -5.29
C GLU A 140 28.17 29.65 -3.78
N ARG A 141 26.89 29.42 -3.41
CA ARG A 141 26.45 29.38 -2.01
C ARG A 141 26.94 28.10 -1.33
N PHE A 142 27.13 27.02 -2.10
CA PHE A 142 27.53 25.71 -1.58
C PHE A 142 28.88 25.30 -2.16
N PRO A 143 30.00 25.86 -1.65
CA PRO A 143 31.33 25.46 -2.10
C PRO A 143 31.70 24.00 -1.77
N ASP A 144 31.13 23.48 -0.66
CA ASP A 144 31.46 22.15 -0.14
C ASP A 144 30.43 21.11 -0.59
N VAL A 145 29.58 21.45 -1.56
CA VAL A 145 28.52 20.57 -2.04
C VAL A 145 28.72 20.30 -3.54
N SER A 146 28.62 19.01 -3.90
CA SER A 146 28.48 18.56 -5.27
C SER A 146 27.00 18.34 -5.56
N VAL A 147 26.56 18.73 -6.76
CA VAL A 147 25.18 18.52 -7.20
C VAL A 147 25.17 17.34 -8.19
N SER A 148 24.50 16.26 -7.81
CA SER A 148 24.48 15.01 -8.56
C SER A 148 23.51 15.12 -9.74
N ARG A 149 22.39 15.84 -9.56
CA ARG A 149 21.37 15.98 -10.60
C ARG A 149 20.44 17.15 -10.27
N GLU A 150 19.74 17.62 -11.30
CA GLU A 150 18.85 18.77 -11.21
C GLU A 150 17.45 18.40 -11.74
N ALA A 151 16.42 18.88 -11.03
CA ALA A 151 15.03 18.72 -11.42
C ALA A 151 14.39 20.11 -11.61
N LEU A 152 13.50 20.21 -12.59
CA LEU A 152 12.65 21.38 -12.76
C LEU A 152 11.21 20.98 -12.43
N TYR A 153 10.62 21.64 -11.43
CA TYR A 153 9.21 21.46 -11.07
C TYR A 153 8.44 22.73 -11.43
N GLY A 154 7.25 22.53 -12.01
CA GLY A 154 6.28 23.60 -12.22
C GLY A 154 4.88 23.06 -12.24
N HIS A 155 3.92 23.86 -11.76
CA HIS A 155 2.51 23.51 -11.69
C HIS A 155 1.68 24.44 -12.59
N SER A 156 0.77 23.84 -13.36
CA SER A 156 -0.16 24.55 -14.24
C SER A 156 0.62 25.18 -15.41
N TYR A 157 0.69 26.51 -15.50
CA TYR A 157 1.59 27.20 -16.44
C TYR A 157 3.03 26.78 -16.17
N GLY A 158 3.35 26.55 -14.88
CA GLY A 158 4.64 26.00 -14.47
C GLY A 158 4.91 24.64 -15.10
N GLY A 159 3.87 23.81 -15.19
CA GLY A 159 3.93 22.49 -15.82
C GLY A 159 4.12 22.59 -17.32
N LEU A 160 3.42 23.54 -17.94
CA LEU A 160 3.58 23.88 -19.36
C LEU A 160 5.03 24.29 -19.62
N PHE A 161 5.57 25.13 -18.72
CA PHE A 161 6.94 25.62 -18.80
C PHE A 161 7.94 24.45 -18.74
N ALA A 162 7.67 23.50 -17.83
CA ALA A 162 8.53 22.33 -17.65
C ALA A 162 8.54 21.46 -18.92
N LEU A 163 7.37 21.33 -19.56
CA LEU A 163 7.23 20.55 -20.80
C LEU A 163 7.98 21.24 -21.94
N HIS A 164 7.91 22.58 -22.00
CA HIS A 164 8.64 23.38 -22.97
C HIS A 164 10.16 23.14 -22.83
N ALA A 165 10.64 23.23 -21.58
CA ALA A 165 12.05 23.02 -21.23
C ALA A 165 12.51 21.64 -21.73
N LEU A 166 11.68 20.61 -21.51
CA LEU A 166 11.97 19.25 -21.93
C LEU A 166 12.09 19.17 -23.47
N PHE A 167 11.10 19.73 -24.16
CA PHE A 167 10.93 19.52 -25.60
C PHE A 167 11.89 20.41 -26.42
N THR A 168 12.47 21.45 -25.80
CA THR A 168 13.37 22.37 -26.49
C THR A 168 14.80 22.28 -25.96
N ARG A 169 14.97 21.93 -24.67
CA ARG A 169 16.28 21.83 -24.03
C ARG A 169 16.32 20.58 -23.15
N PRO A 170 16.26 19.35 -23.73
CA PRO A 170 16.16 18.12 -22.94
C PRO A 170 17.39 17.76 -22.10
N SER A 171 18.54 18.41 -22.37
CA SER A 171 19.79 18.13 -21.67
C SER A 171 20.02 19.11 -20.50
N MET A 172 19.13 20.11 -20.34
CA MET A 172 19.28 21.15 -19.35
C MET A 172 19.09 20.59 -17.93
N PHE A 173 18.11 19.69 -17.77
CA PHE A 173 17.81 19.06 -16.48
C PHE A 173 17.76 17.53 -16.64
N ASP A 174 17.87 16.85 -15.49
CA ASP A 174 17.76 15.39 -15.40
C ASP A 174 16.29 14.99 -15.29
N ALA A 175 15.52 15.77 -14.53
CA ALA A 175 14.10 15.50 -14.28
C ALA A 175 13.26 16.73 -14.64
N TYR A 176 12.13 16.48 -15.32
CA TYR A 176 11.13 17.49 -15.62
C TYR A 176 9.82 17.06 -14.95
N ILE A 177 9.41 17.81 -13.92
CA ILE A 177 8.25 17.48 -13.10
C ILE A 177 7.15 18.49 -13.41
N ALA A 178 6.16 18.05 -14.21
CA ALA A 178 5.06 18.90 -14.66
C ALA A 178 3.78 18.48 -13.91
N SER A 179 3.40 19.30 -12.92
CA SER A 179 2.18 19.10 -12.14
C SER A 179 1.01 19.81 -12.84
N SER A 180 -0.08 19.06 -13.06
CA SER A 180 -1.29 19.55 -13.74
C SER A 180 -0.91 20.51 -14.87
N PRO A 181 -0.13 20.06 -15.88
CA PRO A 181 0.36 20.95 -16.92
C PRO A 181 -0.78 21.55 -17.74
N SER A 182 -0.73 22.87 -17.98
CA SER A 182 -1.74 23.60 -18.73
C SER A 182 -1.53 23.37 -20.23
N ILE A 183 -1.81 22.14 -20.68
CA ILE A 183 -1.57 21.72 -22.06
C ILE A 183 -2.59 22.42 -22.99
N TRP A 184 -3.74 22.82 -22.42
CA TRP A 184 -4.78 23.57 -23.14
C TRP A 184 -4.24 24.87 -23.75
N TRP A 185 -3.22 25.47 -23.11
CA TRP A 185 -2.84 26.85 -23.37
C TRP A 185 -2.56 27.11 -24.86
N ASN A 186 -3.18 28.18 -25.37
CA ASN A 186 -2.93 28.75 -26.70
C ASN A 186 -3.11 27.65 -27.78
N GLY A 187 -4.31 27.07 -27.81
CA GLY A 187 -4.68 26.05 -28.78
C GLY A 187 -3.82 24.79 -28.67
N ARG A 188 -3.35 24.50 -27.45
CA ARG A 188 -2.57 23.31 -27.13
C ARG A 188 -1.28 23.29 -27.96
N CYS A 189 -0.59 24.44 -28.01
CA CYS A 189 0.57 24.63 -28.89
C CYS A 189 1.80 23.85 -28.37
N ILE A 190 1.75 23.39 -27.11
CA ILE A 190 2.83 22.57 -26.54
C ILE A 190 2.88 21.20 -27.25
N LEU A 191 1.72 20.72 -27.74
CA LEU A 191 1.65 19.45 -28.46
C LEU A 191 2.46 19.53 -29.77
N ASN A 192 2.58 20.73 -30.35
CA ASN A 192 3.39 20.96 -31.54
C ASN A 192 4.87 20.74 -31.23
N GLU A 193 5.31 21.23 -30.06
CA GLU A 193 6.70 21.09 -29.60
C GLU A 193 6.99 19.61 -29.29
N ALA A 194 5.99 18.91 -28.73
CA ALA A 194 6.08 17.49 -28.42
C ALA A 194 6.26 16.67 -29.72
N LYS A 195 5.47 17.02 -30.74
CA LYS A 195 5.51 16.34 -32.05
C LYS A 195 6.86 16.59 -32.73
N ALA A 196 7.34 17.84 -32.67
CA ALA A 196 8.63 18.22 -33.24
C ALA A 196 9.78 17.51 -32.52
N PHE A 197 9.63 17.36 -31.19
CA PHE A 197 10.60 16.68 -30.35
C PHE A 197 10.76 15.22 -30.78
N THR A 198 9.63 14.54 -31.04
CA THR A 198 9.60 13.13 -31.40
C THR A 198 9.99 12.92 -32.87
N ARG A 199 9.91 13.99 -33.67
CA ARG A 199 10.13 13.91 -35.13
C ARG A 199 11.63 13.77 -35.45
N LYS A 200 12.50 14.24 -34.56
CA LYS A 200 13.95 14.12 -34.75
C LYS A 200 14.35 12.63 -34.65
N GLY A 205 19.78 5.12 -32.65
CA GLY A 205 21.22 5.01 -32.40
C GLY A 205 21.69 3.57 -32.38
N ALA A 206 21.32 2.82 -33.43
CA ALA A 206 21.67 1.40 -33.56
C ALA A 206 23.19 1.25 -33.78
N TYR A 207 23.79 2.22 -34.49
CA TYR A 207 25.20 2.17 -34.88
C TYR A 207 26.06 3.05 -33.97
N THR A 208 25.45 3.62 -32.91
CA THR A 208 26.16 4.47 -31.95
C THR A 208 26.76 3.58 -30.85
N ASN A 209 27.52 4.20 -29.94
CA ASN A 209 28.17 3.51 -28.82
C ASN A 209 27.16 3.30 -27.69
N GLY A 210 26.02 4.00 -27.75
CA GLY A 210 24.89 3.81 -26.84
C GLY A 210 24.96 4.69 -25.61
N GLU A 211 25.94 5.60 -25.57
CA GLU A 211 26.12 6.54 -24.47
C GLU A 211 25.19 7.74 -24.67
N LYS A 212 24.29 7.95 -23.71
CA LYS A 212 23.35 9.06 -23.75
C LYS A 212 23.00 9.52 -22.32
N LYS A 213 22.56 10.77 -22.23
CA LYS A 213 22.10 11.39 -21.00
C LYS A 213 20.66 11.86 -21.23
N LEU A 214 19.70 10.95 -21.02
CA LEU A 214 18.31 11.16 -21.35
C LEU A 214 17.54 11.65 -20.13
N PRO A 215 16.65 12.65 -20.28
CA PRO A 215 15.84 13.14 -19.17
C PRO A 215 14.63 12.24 -18.90
N SER A 216 14.02 12.41 -17.73
CA SER A 216 12.77 11.76 -17.37
C SER A 216 11.68 12.81 -17.16
N LEU A 217 10.45 12.46 -17.54
CA LEU A 217 9.28 13.32 -17.37
C LEU A 217 8.35 12.66 -16.34
N MET A 218 8.01 13.43 -15.30
CA MET A 218 7.12 12.99 -14.23
C MET A 218 5.94 13.97 -14.14
N MET A 219 4.73 13.47 -14.38
CA MET A 219 3.54 14.30 -14.46
C MET A 219 2.51 13.85 -13.43
N TYR A 220 1.69 14.80 -12.97
CA TYR A 220 0.68 14.57 -11.95
C TYR A 220 -0.57 15.40 -12.28
N LEU A 221 -1.71 14.96 -11.73
CA LEU A 221 -2.98 15.63 -11.94
C LEU A 221 -3.91 15.33 -10.76
N GLY A 222 -4.74 16.32 -10.41
CA GLY A 222 -5.83 16.14 -9.46
C GLY A 222 -7.03 15.51 -10.16
N GLY A 223 -7.64 14.52 -9.50
CA GLY A 223 -8.78 13.78 -10.04
C GLY A 223 -9.99 14.67 -10.27
N LEU A 224 -10.10 15.76 -9.50
CA LEU A 224 -11.25 16.67 -9.54
C LEU A 224 -11.12 17.71 -10.66
N GLU A 225 -10.00 17.69 -11.40
CA GLU A 225 -9.76 18.67 -12.46
C GLU A 225 -10.63 18.33 -13.67
N GLN A 226 -10.45 17.11 -14.22
CA GLN A 226 -11.25 16.62 -15.34
C GLN A 226 -12.65 16.27 -14.84
N ASP A 227 -12.74 15.69 -13.63
CA ASP A 227 -13.98 15.17 -13.06
C ASP A 227 -14.27 15.87 -11.74
N PRO A 228 -14.72 17.15 -11.75
CA PRO A 228 -15.09 17.86 -10.53
C PRO A 228 -16.27 17.21 -9.81
N ARG A 229 -16.35 17.40 -8.49
CA ARG A 229 -17.48 16.97 -7.69
C ARG A 229 -18.24 18.21 -7.21
N ARG A 230 -19.58 18.11 -7.22
CA ARG A 230 -20.46 19.23 -6.93
C ARG A 230 -20.30 19.63 -5.46
N TRP A 231 -20.27 20.94 -5.21
CA TRP A 231 -20.12 21.51 -3.87
C TRP A 231 -21.47 21.52 -3.16
N ASN A 232 -21.44 21.80 -1.84
CA ASN A 232 -22.64 21.87 -1.02
C ASN A 232 -23.48 23.08 -1.45
N ASP A 233 -24.76 22.81 -1.78
CA ASP A 233 -25.74 23.83 -2.12
C ASP A 233 -25.26 24.66 -3.31
N GLU A 234 -24.60 24.00 -4.27
CA GLU A 234 -24.09 24.66 -5.48
C GLU A 234 -25.23 24.79 -6.48
N PRO A 235 -25.57 26.02 -6.94
CA PRO A 235 -26.61 26.20 -7.95
C PRO A 235 -26.29 25.48 -9.27
N ASP A 236 -27.32 25.18 -10.05
CA ASP A 236 -27.19 24.45 -11.31
C ASP A 236 -26.29 25.22 -12.29
N GLU A 237 -26.39 26.55 -12.26
CA GLU A 237 -25.62 27.42 -13.17
C GLU A 237 -24.12 27.31 -12.89
N SER A 238 -23.75 27.25 -11.60
CA SER A 238 -22.35 27.18 -11.19
C SER A 238 -21.78 25.79 -11.52
N TRP A 239 -22.54 24.75 -11.21
CA TRP A 239 -22.16 23.35 -11.41
C TRP A 239 -21.93 23.07 -12.90
N GLU A 240 -22.91 23.44 -13.73
CA GLU A 240 -22.82 23.25 -15.19
C GLU A 240 -21.62 24.03 -15.74
N GLY A 241 -21.37 25.21 -15.18
CA GLY A 241 -20.25 26.07 -15.56
C GLY A 241 -18.91 25.39 -15.34
N ARG A 242 -18.74 24.78 -14.16
CA ARG A 242 -17.49 24.12 -13.78
C ARG A 242 -17.27 22.86 -14.63
N LYS A 243 -18.37 22.19 -15.02
CA LYS A 243 -18.31 21.00 -15.86
C LYS A 243 -17.86 21.39 -17.28
N ARG A 244 -18.28 22.56 -17.76
CA ARG A 244 -17.90 23.08 -19.08
C ARG A 244 -16.44 23.54 -19.07
N ASP A 245 -16.03 24.21 -17.99
CA ASP A 245 -14.64 24.64 -17.80
C ASP A 245 -13.71 23.42 -17.82
N ALA A 246 -14.11 22.35 -17.12
CA ALA A 246 -13.37 21.09 -17.05
C ALA A 246 -13.21 20.50 -18.46
N GLU A 247 -14.27 20.60 -19.26
CA GLU A 247 -14.28 20.12 -20.64
C GLU A 247 -13.35 20.99 -21.50
N ALA A 248 -13.42 22.31 -21.29
CA ALA A 248 -12.62 23.28 -22.05
C ALA A 248 -11.11 23.08 -21.77
N PHE A 249 -10.77 22.95 -20.48
CA PHE A 249 -9.38 22.76 -20.05
C PHE A 249 -8.89 21.35 -20.41
N ASN A 250 -9.78 20.35 -20.27
CA ASN A 250 -9.50 18.96 -20.67
C ASN A 250 -8.11 18.53 -20.17
N MET A 251 -7.91 18.64 -18.84
CA MET A 251 -6.60 18.45 -18.23
C MET A 251 -6.13 17.00 -18.41
N LYS A 252 -7.04 16.04 -18.19
CA LYS A 252 -6.72 14.61 -18.28
C LYS A 252 -6.66 14.18 -19.75
N VAL A 253 -7.66 14.58 -20.54
CA VAL A 253 -7.74 14.21 -21.97
C VAL A 253 -6.46 14.66 -22.68
N ASN A 254 -6.05 15.91 -22.43
CA ASN A 254 -4.90 16.52 -23.09
C ASN A 254 -3.60 15.82 -22.63
N LEU A 255 -3.52 15.45 -21.36
CA LEU A 255 -2.33 14.80 -20.81
C LEU A 255 -2.18 13.39 -21.40
N LEU A 256 -3.30 12.65 -21.49
CA LEU A 256 -3.29 11.30 -22.08
C LEU A 256 -2.84 11.36 -23.55
N GLU A 257 -3.30 12.39 -24.27
CA GLU A 257 -2.94 12.60 -25.67
C GLU A 257 -1.43 12.86 -25.78
N LEU A 258 -0.91 13.74 -24.91
CA LEU A 258 0.51 14.08 -24.87
C LEU A 258 1.34 12.81 -24.65
N MET A 259 0.92 11.97 -23.70
CA MET A 259 1.62 10.74 -23.36
C MET A 259 1.61 9.78 -24.55
N GLY A 260 0.49 9.75 -25.29
CA GLY A 260 0.36 8.98 -26.53
C GLY A 260 1.41 9.38 -27.55
N LEU A 261 1.68 10.68 -27.66
CA LEU A 261 2.62 11.24 -28.65
C LEU A 261 4.05 10.82 -28.32
N ILE A 262 4.44 10.89 -27.04
CA ILE A 262 5.85 10.76 -26.62
C ILE A 262 6.15 9.36 -26.09
N ARG A 263 5.17 8.45 -26.10
CA ARG A 263 5.37 7.08 -25.62
C ARG A 263 6.34 6.36 -26.57
N GLY A 264 7.41 5.79 -25.99
CA GLY A 264 8.40 5.01 -26.73
C GLY A 264 9.46 5.87 -27.41
N CYS A 265 9.42 7.19 -27.17
CA CYS A 265 10.40 8.12 -27.71
C CYS A 265 11.76 7.82 -27.09
N THR A 266 12.77 7.56 -27.95
CA THR A 266 14.09 7.11 -27.54
C THR A 266 14.90 8.26 -26.91
N ARG A 267 14.42 9.50 -27.08
CA ARG A 267 15.03 10.69 -26.49
C ARG A 267 14.67 10.82 -25.01
N LEU A 268 13.66 10.07 -24.57
CA LEU A 268 13.18 10.05 -23.19
C LEU A 268 13.63 8.75 -22.51
N HIS A 269 14.10 8.87 -21.27
CA HIS A 269 14.41 7.72 -20.43
C HIS A 269 13.10 7.08 -19.95
N ALA A 270 12.25 7.89 -19.32
CA ALA A 270 10.99 7.41 -18.76
C ALA A 270 9.98 8.56 -18.65
N VAL A 271 8.70 8.21 -18.80
CA VAL A 271 7.57 9.10 -18.57
C VAL A 271 6.67 8.43 -17.52
N SER A 272 6.49 9.09 -16.38
CA SER A 272 5.59 8.65 -15.33
C SER A 272 4.42 9.62 -15.23
N PHE A 273 3.24 9.08 -14.90
CA PHE A 273 2.05 9.85 -14.61
C PHE A 273 1.26 9.17 -13.49
N SER A 274 0.83 9.96 -12.50
CA SER A 274 -0.06 9.49 -11.46
C SER A 274 -1.10 10.56 -11.14
N GLU A 275 -2.34 10.10 -10.92
CA GLU A 275 -3.49 10.95 -10.66
C GLU A 275 -3.88 10.81 -9.19
N TYR A 276 -4.16 11.96 -8.55
CA TYR A 276 -4.59 12.01 -7.15
C TYR A 276 -6.12 12.17 -7.09
N ALA A 277 -6.82 11.08 -6.78
CA ALA A 277 -8.27 11.10 -6.60
C ALA A 277 -8.61 11.96 -5.38
N GLY A 278 -9.58 12.87 -5.54
CA GLY A 278 -10.09 13.71 -4.46
C GLY A 278 -9.32 15.00 -4.29
N GLU A 279 -8.24 15.18 -5.06
CA GLU A 279 -7.44 16.41 -5.05
C GLU A 279 -7.87 17.27 -6.24
N ASP A 280 -7.92 18.60 -6.03
CA ASP A 280 -8.28 19.56 -7.07
C ASP A 280 -6.98 20.23 -7.57
N HIS A 281 -7.14 21.18 -8.50
CA HIS A 281 -6.03 21.86 -9.16
C HIS A 281 -5.07 22.48 -8.14
N GLY A 282 -5.63 23.00 -7.04
CA GLY A 282 -4.86 23.67 -5.99
C GLY A 282 -4.26 22.71 -4.97
N THR A 283 -5.09 21.76 -4.49
CA THR A 283 -4.71 20.88 -3.37
C THR A 283 -3.65 19.86 -3.81
N VAL A 284 -3.61 19.55 -5.12
CA VAL A 284 -2.69 18.54 -5.67
C VAL A 284 -1.25 19.05 -5.65
N MET A 285 -1.07 20.37 -5.61
CA MET A 285 0.23 21.02 -5.75
C MET A 285 1.24 20.46 -4.74
N ALA A 286 0.85 20.43 -3.47
CA ALA A 286 1.71 19.94 -2.38
C ALA A 286 1.99 18.44 -2.56
N CYS A 287 1.00 17.70 -3.05
CA CYS A 287 1.09 16.25 -3.26
C CYS A 287 2.14 15.94 -4.35
N SER A 288 2.00 16.60 -5.50
CA SER A 288 2.83 16.35 -6.68
C SER A 288 4.29 16.77 -6.43
N LEU A 289 4.46 17.92 -5.77
CA LEU A 289 5.79 18.46 -5.44
C LEU A 289 6.51 17.52 -4.48
N GLY A 290 5.79 17.07 -3.44
CA GLY A 290 6.33 16.14 -2.45
C GLY A 290 6.70 14.79 -3.06
N ARG A 291 5.81 14.26 -3.90
CA ARG A 291 5.97 12.94 -4.50
C ARG A 291 7.10 12.97 -5.54
N GLY A 292 7.07 13.99 -6.40
CA GLY A 292 8.08 14.17 -7.45
C GLY A 292 9.47 14.35 -6.87
N PHE A 293 9.58 15.20 -5.84
CA PHE A 293 10.86 15.54 -5.22
C PHE A 293 11.46 14.32 -4.53
N SER A 294 10.63 13.54 -3.82
CA SER A 294 11.10 12.35 -3.09
C SER A 294 11.52 11.24 -4.06
N THR A 295 10.75 11.06 -5.14
CA THR A 295 11.09 10.11 -6.21
C THR A 295 12.45 10.49 -6.79
N PHE A 296 12.63 11.78 -7.09
CA PHE A 296 13.85 12.32 -7.68
C PHE A 296 15.04 12.11 -6.73
N MET A 297 14.80 12.25 -5.42
CA MET A 297 15.83 12.12 -4.40
C MET A 297 16.21 10.65 -4.19
N GLU A 298 15.20 9.76 -4.13
CA GLU A 298 15.34 8.45 -3.48
C GLU A 298 15.29 7.29 -4.50
N ASP A 299 14.47 7.42 -5.55
CA ASP A 299 14.20 6.31 -6.48
C ASP A 299 14.69 6.67 -7.89
N TRP A 300 15.92 7.18 -7.97
CA TRP A 300 16.52 7.62 -9.23
C TRP A 300 17.56 6.60 -9.68
N PRO A 301 17.53 6.19 -10.97
CA PRO A 301 16.59 6.66 -11.97
C PRO A 301 15.25 5.90 -11.91
N VAL A 302 14.20 6.51 -12.48
CA VAL A 302 12.88 5.90 -12.60
C VAL A 302 12.95 4.82 -13.68
N PRO A 303 12.53 3.57 -13.40
CA PRO A 303 12.63 2.49 -14.36
C PRO A 303 11.84 2.73 -15.66
N ARG A 304 12.32 2.14 -16.76
CA ARG A 304 11.75 2.29 -18.09
C ARG A 304 10.44 1.48 -18.18
N PRO B 8 22.70 37.82 0.79
CA PRO B 8 21.67 36.84 1.10
C PRO B 8 21.10 37.06 2.51
N ALA B 9 19.77 37.02 2.62
CA ALA B 9 19.05 37.37 3.86
C ALA B 9 18.27 36.16 4.39
N VAL B 10 17.81 36.29 5.63
CA VAL B 10 17.00 35.28 6.31
C VAL B 10 15.60 35.26 5.67
N VAL B 11 15.00 34.07 5.60
CA VAL B 11 13.62 33.90 5.18
C VAL B 11 12.71 34.05 6.41
N SER B 12 11.96 35.16 6.45
CA SER B 12 10.98 35.43 7.50
C SER B 12 9.58 35.44 6.89
N LEU B 13 8.64 34.74 7.54
CA LEU B 13 7.26 34.60 7.04
C LEU B 13 6.47 35.86 7.38
N PRO B 14 5.56 36.32 6.49
CA PRO B 14 4.53 37.29 6.84
C PRO B 14 3.28 36.57 7.38
N SER B 15 2.35 37.34 7.96
CA SER B 15 1.04 36.86 8.38
C SER B 15 1.19 35.59 9.24
N SER B 16 2.16 35.61 10.16
CA SER B 16 2.43 34.51 11.06
C SER B 16 3.26 35.01 12.24
N GLU B 17 3.27 34.21 13.31
CA GLU B 17 4.05 34.49 14.51
C GLU B 17 4.22 33.20 15.31
N GLN B 18 5.13 33.23 16.28
CA GLN B 18 5.37 32.11 17.16
C GLN B 18 5.66 32.61 18.59
N PHE B 19 5.23 31.83 19.58
CA PHE B 19 5.45 32.11 20.99
C PHE B 19 5.46 30.78 21.75
N TYR B 20 6.02 30.82 22.98
CA TYR B 20 6.15 29.64 23.82
C TYR B 20 5.12 29.69 24.95
N LEU B 21 4.39 28.58 25.12
CA LEU B 21 3.48 28.36 26.24
C LEU B 21 3.92 27.10 26.99
N ASN B 22 3.67 27.07 28.30
CA ASN B 22 3.99 25.94 29.15
C ASN B 22 2.70 25.24 29.59
N ASN B 23 2.74 23.91 29.67
CA ASN B 23 1.63 23.12 30.21
C ASN B 23 1.68 23.19 31.74
N SER B 24 0.77 22.45 32.39
CA SER B 24 0.63 22.43 33.86
C SER B 24 1.92 21.91 34.52
N ARG B 25 2.66 21.04 33.81
CA ARG B 25 3.89 20.43 34.31
C ARG B 25 5.09 21.38 34.16
N GLY B 26 4.89 22.50 33.45
CA GLY B 26 5.94 23.49 33.19
C GLY B 26 6.83 23.10 32.02
N GLU B 27 6.29 22.27 31.11
CA GLU B 27 7.01 21.80 29.93
C GLU B 27 6.73 22.75 28.77
N ARG B 28 7.78 23.06 28.01
CA ARG B 28 7.80 24.15 27.03
C ARG B 28 7.27 23.66 25.68
N TYR B 29 6.40 24.46 25.06
CA TYR B 29 5.82 24.20 23.73
C TYR B 29 6.00 25.41 22.83
N LEU B 30 6.33 25.16 21.56
CA LEU B 30 6.40 26.17 20.51
C LEU B 30 5.05 26.24 19.79
N ILE B 31 4.34 27.36 19.97
CA ILE B 31 3.06 27.61 19.30
C ILE B 31 3.32 28.52 18.10
N GLN B 32 3.17 27.95 16.90
CA GLN B 32 3.31 28.68 15.65
C GLN B 32 1.91 28.91 15.06
N VAL B 33 1.61 30.17 14.73
CA VAL B 33 0.30 30.58 14.25
C VAL B 33 0.47 31.30 12.91
N SER B 34 -0.45 31.03 11.98
CA SER B 34 -0.50 31.71 10.69
C SER B 34 -1.96 31.94 10.28
N TRP B 35 -2.16 32.92 9.39
CA TRP B 35 -3.47 33.36 8.94
C TRP B 35 -3.32 33.91 7.52
N PRO B 36 -4.43 34.15 6.77
CA PRO B 36 -4.35 34.57 5.37
C PRO B 36 -3.53 35.87 5.17
N LEU B 37 -2.88 35.96 4.01
CA LEU B 37 -1.98 37.07 3.67
C LEU B 37 -2.80 38.35 3.41
N HIS B 38 -4.06 38.20 2.98
CA HIS B 38 -4.89 39.35 2.59
C HIS B 38 -5.43 40.10 3.81
N TRP B 39 -5.36 39.47 5.00
CA TRP B 39 -5.66 40.14 6.27
C TRP B 39 -4.60 41.20 6.55
N LYS B 40 -5.00 42.32 7.17
CA LYS B 40 -4.07 43.33 7.69
C LYS B 40 -3.78 43.03 9.17
N ASP B 41 -2.50 42.89 9.51
CA ASP B 41 -2.05 42.54 10.86
C ASP B 41 -2.72 41.20 11.25
N HIS B 42 -3.76 41.25 12.09
CA HIS B 42 -4.53 40.06 12.50
C HIS B 42 -6.01 40.20 12.10
N LYS B 43 -6.35 41.28 11.39
CA LYS B 43 -7.73 41.67 11.13
C LYS B 43 -8.15 41.24 9.72
N PRO B 44 -9.29 40.53 9.56
CA PRO B 44 -9.85 40.23 8.25
C PRO B 44 -10.13 41.49 7.41
N ASP B 45 -9.89 41.39 6.11
CA ASP B 45 -9.97 42.51 5.17
C ASP B 45 -11.39 42.61 4.57
N THR B 46 -12.23 41.59 4.81
CA THR B 46 -13.57 41.51 4.22
C THR B 46 -14.61 41.10 5.26
N ASP B 47 -15.85 40.94 4.77
CA ASP B 47 -17.01 40.38 5.44
C ASP B 47 -16.65 39.08 6.20
N ARG B 48 -15.81 38.24 5.58
CA ARG B 48 -15.60 36.86 6.00
C ARG B 48 -14.64 36.84 7.21
N ASN B 49 -15.18 37.06 8.41
CA ASN B 49 -14.39 37.12 9.65
C ASN B 49 -14.81 36.01 10.63
N ASP B 50 -15.63 35.06 10.15
CA ASP B 50 -16.03 33.87 10.92
C ASP B 50 -15.40 32.65 10.26
N VAL B 51 -14.23 32.23 10.76
CA VAL B 51 -13.32 31.34 10.03
C VAL B 51 -13.03 30.08 10.84
N PRO B 52 -12.79 28.93 10.15
CA PRO B 52 -12.32 27.72 10.81
C PRO B 52 -10.87 27.85 11.29
N LEU B 53 -10.52 27.04 12.30
CA LEU B 53 -9.18 27.00 12.89
C LEU B 53 -8.74 25.54 13.01
N ILE B 54 -7.45 25.28 12.74
CA ILE B 54 -6.91 23.92 12.80
C ILE B 54 -5.72 23.90 13.78
N TYR B 55 -5.74 22.89 14.67
CA TYR B 55 -4.61 22.57 15.55
C TYR B 55 -3.84 21.40 14.94
N ILE B 56 -2.50 21.55 14.88
CA ILE B 56 -1.62 20.54 14.29
C ILE B 56 -0.56 20.16 15.34
N VAL B 57 -0.52 18.88 15.72
CA VAL B 57 0.55 18.34 16.56
C VAL B 57 1.71 17.95 15.63
N ASP B 58 2.91 17.82 16.22
CA ASP B 58 4.18 17.76 15.49
C ASP B 58 4.32 19.04 14.65
N GLY B 59 4.14 20.18 15.33
CA GLY B 59 4.03 21.49 14.70
C GLY B 59 5.28 21.88 13.93
N ASN B 60 6.45 21.47 14.42
CA ASN B 60 7.74 21.82 13.83
C ASN B 60 7.89 21.15 12.44
N ALA B 61 7.17 20.05 12.23
CA ALA B 61 7.28 19.25 11.02
C ALA B 61 6.26 19.71 9.97
N LEU B 62 5.19 20.42 10.38
CA LEU B 62 4.01 20.60 9.52
C LEU B 62 3.53 22.07 9.43
N PHE B 63 4.10 22.98 10.22
CA PHE B 63 3.58 24.36 10.29
C PHE B 63 3.62 25.03 8.91
N LEU B 64 4.78 24.93 8.24
CA LEU B 64 5.01 25.62 6.97
C LEU B 64 4.13 25.03 5.86
N THR B 65 3.87 23.72 5.94
CA THR B 65 3.05 23.01 4.95
C THR B 65 1.60 23.50 5.03
N ALA B 66 1.06 23.57 6.25
CA ALA B 66 -0.31 24.04 6.48
C ALA B 66 -0.45 25.51 6.08
N THR B 67 0.56 26.31 6.46
CA THR B 67 0.58 27.75 6.23
C THR B 67 0.51 28.06 4.73
N GLU B 68 1.41 27.45 3.96
CA GLU B 68 1.53 27.75 2.53
C GLU B 68 0.31 27.19 1.78
N ALA B 69 -0.19 26.03 2.21
CA ALA B 69 -1.42 25.45 1.67
C ALA B 69 -2.57 26.46 1.81
N LEU B 70 -2.73 27.02 3.02
CA LEU B 70 -3.75 28.01 3.32
C LEU B 70 -3.61 29.22 2.38
N TRP B 71 -2.38 29.72 2.24
CA TRP B 71 -2.10 30.90 1.42
C TRP B 71 -2.44 30.63 -0.05
N ARG B 72 -2.15 29.40 -0.52
CA ARG B 72 -2.39 29.01 -1.91
C ARG B 72 -3.90 28.95 -2.20
N ARG B 73 -4.70 28.53 -1.21
CA ARG B 73 -6.16 28.36 -1.38
C ARG B 73 -6.81 29.70 -1.71
N SER B 74 -6.20 30.81 -1.27
CA SER B 74 -6.69 32.17 -1.54
C SER B 74 -6.82 32.43 -3.05
N ALA B 75 -6.07 31.67 -3.88
CA ALA B 75 -6.08 31.80 -5.33
C ALA B 75 -7.14 30.90 -5.98
N ASP B 76 -7.68 29.94 -5.22
CA ASP B 76 -8.65 28.97 -5.73
C ASP B 76 -10.05 29.61 -5.75
N SER B 77 -10.89 29.14 -6.68
CA SER B 77 -12.25 29.64 -6.88
C SER B 77 -13.15 29.22 -5.70
N HIS B 78 -12.77 28.14 -5.01
CA HIS B 78 -13.58 27.54 -3.95
C HIS B 78 -13.20 28.12 -2.57
N TYR B 79 -12.52 29.26 -2.56
CA TYR B 79 -12.01 29.90 -1.34
C TYR B 79 -13.16 30.55 -0.57
N CYS B 80 -13.08 30.53 0.76
CA CYS B 80 -14.15 30.97 1.68
C CYS B 80 -13.73 32.16 2.56
N GLY B 81 -12.47 32.60 2.44
CA GLY B 81 -11.88 33.60 3.34
C GLY B 81 -10.80 33.01 4.23
N GLY B 82 -10.57 31.70 4.11
CA GLY B 82 -9.44 31.03 4.72
C GLY B 82 -9.72 30.57 6.13
N GLY B 83 -8.70 30.66 6.99
CA GLY B 83 -8.75 30.17 8.36
C GLY B 83 -7.42 30.40 9.08
N ILE B 84 -7.30 29.84 10.29
CA ILE B 84 -6.15 30.03 11.15
C ILE B 84 -5.49 28.68 11.43
N VAL B 85 -4.15 28.64 11.30
CA VAL B 85 -3.34 27.48 11.59
C VAL B 85 -2.71 27.68 12.98
N VAL B 86 -2.75 26.63 13.80
CA VAL B 86 -2.08 26.59 15.10
C VAL B 86 -1.27 25.29 15.16
N ALA B 87 0.06 25.41 15.00
CA ALA B 87 0.97 24.28 15.05
C ALA B 87 1.57 24.17 16.46
N ILE B 88 1.21 23.09 17.17
CA ILE B 88 1.70 22.81 18.52
C ILE B 88 2.98 21.98 18.40
N GLY B 89 4.12 22.64 18.60
CA GLY B 89 5.44 22.05 18.44
C GLY B 89 6.27 22.13 19.71
N TYR B 90 7.57 21.86 19.56
CA TYR B 90 8.52 21.79 20.66
C TYR B 90 9.68 22.73 20.39
N PRO B 91 10.47 23.13 21.42
CA PRO B 91 11.64 23.98 21.21
C PRO B 91 12.80 23.16 20.63
N LEU B 92 13.04 23.31 19.32
CA LEU B 92 14.01 22.49 18.58
C LEU B 92 15.03 23.38 17.84
N GLU B 93 15.28 24.59 18.38
CA GLU B 93 16.25 25.51 17.77
C GLU B 93 17.67 24.92 17.91
N GLY B 94 18.33 24.72 16.77
CA GLY B 94 19.74 24.33 16.72
C GLY B 94 19.95 22.82 16.86
N THR B 95 18.85 22.06 16.87
CA THR B 95 18.88 20.60 17.03
C THR B 95 19.03 19.91 15.66
N GLY B 96 18.58 20.59 14.61
CA GLY B 96 18.57 20.05 13.26
C GLY B 96 17.50 19.00 13.06
N LYS B 97 16.41 19.12 13.84
CA LYS B 97 15.35 18.12 13.90
C LYS B 97 13.98 18.79 13.76
N VAL B 98 13.00 18.02 13.28
CA VAL B 98 11.61 18.47 13.12
C VAL B 98 10.68 17.70 14.07
N TYR B 99 11.21 16.68 14.76
CA TYR B 99 10.46 15.92 15.76
C TYR B 99 11.22 15.92 17.09
N HIS B 100 10.47 15.95 18.20
CA HIS B 100 11.00 15.66 19.53
C HIS B 100 10.56 14.24 19.93
N ARG B 101 11.45 13.27 19.70
CA ARG B 101 11.17 11.84 19.84
C ARG B 101 10.51 11.53 21.19
N VAL B 102 11.18 11.93 22.28
CA VAL B 102 10.81 11.53 23.64
C VAL B 102 9.45 12.14 24.00
N ARG B 103 9.30 13.45 23.74
CA ARG B 103 8.15 14.22 24.23
C ARG B 103 6.91 13.95 23.37
N ARG B 104 7.08 13.80 22.05
CA ARG B 104 5.96 13.43 21.17
C ARG B 104 5.54 12.00 21.50
N GLY B 105 6.52 11.14 21.84
CA GLY B 105 6.28 9.79 22.32
C GLY B 105 5.33 9.78 23.50
N PHE B 106 5.58 10.66 24.47
CA PHE B 106 4.75 10.77 25.66
C PHE B 106 3.41 11.45 25.32
N ASP B 107 3.50 12.61 24.67
CA ASP B 107 2.36 13.52 24.49
C ASP B 107 1.25 12.88 23.65
N LEU B 108 1.63 12.11 22.61
CA LEU B 108 0.69 11.73 21.56
C LEU B 108 0.13 10.31 21.77
N THR B 109 0.63 9.58 22.78
CA THR B 109 0.20 8.19 23.03
C THR B 109 -0.86 8.15 24.13
N VAL B 110 -1.63 7.05 24.13
CA VAL B 110 -2.85 6.89 24.90
C VAL B 110 -2.50 6.40 26.30
N PRO B 111 -3.10 6.97 27.38
CA PRO B 111 -2.89 6.47 28.73
C PRO B 111 -3.55 5.10 28.94
N THR B 112 -2.82 4.19 29.60
CA THR B 112 -3.30 2.86 29.93
C THR B 112 -3.05 2.62 31.41
N PRO B 113 -3.96 3.09 32.31
CA PRO B 113 -3.75 3.00 33.75
C PRO B 113 -3.69 1.55 34.24
N ASP B 114 -4.42 0.68 33.53
CA ASP B 114 -4.46 -0.76 33.76
C ASP B 114 -3.04 -1.33 33.73
N SER B 115 -2.26 -0.93 32.71
CA SER B 115 -0.91 -1.44 32.47
C SER B 115 0.00 -0.30 32.01
N PRO B 116 0.46 0.58 32.94
CA PRO B 116 1.24 1.75 32.56
C PRO B 116 2.47 1.47 31.70
N VAL B 117 2.71 2.36 30.73
CA VAL B 117 3.81 2.28 29.78
C VAL B 117 4.72 3.50 29.99
N GLU B 118 5.93 3.27 30.50
CA GLU B 118 6.85 4.34 30.84
C GLU B 118 7.28 5.09 29.56
N GLY B 119 7.21 6.42 29.63
CA GLY B 119 7.57 7.30 28.51
C GLY B 119 6.44 7.48 27.52
N HIS B 120 5.22 7.06 27.91
CA HIS B 120 4.05 7.06 27.03
C HIS B 120 2.77 7.32 27.84
N GLY B 121 1.71 7.71 27.12
CA GLY B 121 0.37 7.86 27.69
C GLY B 121 0.13 9.24 28.27
N GLY B 122 0.59 10.28 27.56
CA GLY B 122 0.50 11.67 28.02
C GLY B 122 -0.50 12.50 27.22
N ALA B 123 -1.43 11.83 26.53
CA ALA B 123 -2.37 12.47 25.60
C ALA B 123 -3.35 13.38 26.36
N ASP B 124 -3.84 12.90 27.51
CA ASP B 124 -4.83 13.63 28.31
C ASP B 124 -4.25 14.96 28.80
N ILE B 125 -2.95 14.96 29.13
CA ILE B 125 -2.25 16.15 29.63
C ILE B 125 -2.13 17.18 28.49
N LEU B 126 -1.84 16.70 27.27
CA LEU B 126 -1.71 17.60 26.12
C LEU B 126 -3.08 18.19 25.75
N LEU B 127 -4.14 17.38 25.84
CA LEU B 127 -5.51 17.84 25.56
C LEU B 127 -5.91 18.93 26.56
N ASP B 128 -5.56 18.74 27.84
CA ASP B 128 -5.80 19.73 28.88
C ASP B 128 -5.07 21.04 28.53
N PHE B 129 -3.82 20.90 28.08
CA PHE B 129 -2.96 22.02 27.69
C PHE B 129 -3.63 22.85 26.57
N ILE B 130 -4.22 22.15 25.59
CA ILE B 130 -4.84 22.79 24.42
C ILE B 130 -6.11 23.54 24.87
N ALA B 131 -6.97 22.85 25.64
CA ALA B 131 -8.26 23.39 26.09
C ALA B 131 -8.04 24.61 27.01
N GLU B 132 -7.07 24.50 27.93
CA GLU B 132 -6.91 25.45 29.03
C GLU B 132 -6.01 26.64 28.63
N THR B 133 -4.94 26.37 27.86
CA THR B 133 -3.87 27.36 27.63
C THR B 133 -3.80 27.78 26.16
N VAL B 134 -3.57 26.81 25.25
CA VAL B 134 -3.28 27.10 23.85
C VAL B 134 -4.48 27.83 23.22
N ARG B 135 -5.68 27.28 23.40
CA ARG B 135 -6.89 27.76 22.73
C ARG B 135 -7.15 29.22 23.09
N PRO B 136 -7.31 29.60 24.38
CA PRO B 136 -7.52 31.00 24.75
C PRO B 136 -6.43 31.97 24.27
N ALA B 137 -5.16 31.55 24.41
CA ALA B 137 -4.01 32.37 24.01
C ALA B 137 -4.09 32.75 22.53
N VAL B 138 -4.56 31.80 21.71
CA VAL B 138 -4.71 32.00 20.27
C VAL B 138 -5.89 32.94 19.99
N ARG B 139 -7.02 32.73 20.69
CA ARG B 139 -8.21 33.58 20.54
C ARG B 139 -7.87 35.03 20.90
N GLU B 140 -6.96 35.21 21.86
CA GLU B 140 -6.52 36.52 22.33
C GLU B 140 -5.79 37.28 21.21
N ARG B 141 -5.12 36.52 20.32
CA ARG B 141 -4.35 37.06 19.21
C ARG B 141 -5.27 37.67 18.13
N PHE B 142 -6.52 37.17 18.04
CA PHE B 142 -7.45 37.56 16.98
C PHE B 142 -8.72 38.17 17.58
N PRO B 143 -8.67 39.42 18.10
CA PRO B 143 -9.87 40.08 18.63
C PRO B 143 -10.99 40.36 17.61
N ASP B 144 -10.64 40.47 16.33
CA ASP B 144 -11.61 40.79 15.26
C ASP B 144 -11.95 39.54 14.44
N VAL B 145 -11.84 38.35 15.07
CA VAL B 145 -12.17 37.07 14.43
C VAL B 145 -12.93 36.22 15.43
N SER B 146 -14.03 35.61 14.96
CA SER B 146 -14.73 34.54 15.67
C SER B 146 -14.43 33.22 14.96
N VAL B 147 -14.16 32.16 15.74
CA VAL B 147 -13.82 30.85 15.21
C VAL B 147 -15.12 30.06 15.00
N SER B 148 -15.43 29.78 13.73
CA SER B 148 -16.65 29.08 13.33
C SER B 148 -16.61 27.62 13.79
N ARG B 149 -15.40 27.02 13.76
CA ARG B 149 -15.20 25.61 14.08
C ARG B 149 -13.70 25.34 14.25
N GLU B 150 -13.38 24.22 14.92
CA GLU B 150 -12.02 23.80 15.20
C GLU B 150 -11.80 22.37 14.71
N ALA B 151 -10.63 22.12 14.12
CA ALA B 151 -10.18 20.79 13.75
C ALA B 151 -8.86 20.48 14.47
N LEU B 152 -8.66 19.20 14.80
CA LEU B 152 -7.39 18.69 15.30
C LEU B 152 -6.82 17.72 14.26
N TYR B 153 -5.62 18.04 13.78
CA TYR B 153 -4.88 17.18 12.85
C TYR B 153 -3.67 16.58 13.57
N GLY B 154 -3.40 15.30 13.28
CA GLY B 154 -2.18 14.63 13.68
C GLY B 154 -1.87 13.46 12.76
N HIS B 155 -0.56 13.18 12.58
CA HIS B 155 -0.09 12.12 11.71
C HIS B 155 0.69 11.08 12.53
N SER B 156 0.41 9.80 12.26
CA SER B 156 1.08 8.65 12.89
C SER B 156 0.67 8.57 14.37
N TYR B 157 1.62 8.79 15.30
CA TYR B 157 1.30 8.94 16.73
C TYR B 157 0.34 10.13 16.90
N GLY B 158 0.49 11.15 16.04
CA GLY B 158 -0.42 12.29 15.98
C GLY B 158 -1.85 11.87 15.65
N GLY B 159 -2.00 10.91 14.74
CA GLY B 159 -3.30 10.38 14.33
C GLY B 159 -3.94 9.57 15.44
N LEU B 160 -3.11 8.78 16.13
CA LEU B 160 -3.52 8.04 17.33
C LEU B 160 -4.04 9.02 18.39
N PHE B 161 -3.35 10.14 18.55
CA PHE B 161 -3.72 11.22 19.47
C PHE B 161 -5.09 11.81 19.08
N ALA B 162 -5.31 12.00 17.78
CA ALA B 162 -6.56 12.57 17.25
C ALA B 162 -7.73 11.64 17.55
N LEU B 163 -7.51 10.33 17.44
CA LEU B 163 -8.54 9.31 17.70
C LEU B 163 -8.85 9.25 19.21
N HIS B 164 -7.81 9.35 20.04
CA HIS B 164 -7.97 9.41 21.50
C HIS B 164 -8.88 10.58 21.86
N ALA B 165 -8.59 11.75 21.29
CA ALA B 165 -9.36 12.98 21.50
C ALA B 165 -10.83 12.77 21.11
N LEU B 166 -11.06 12.09 19.99
CA LEU B 166 -12.41 11.83 19.47
C LEU B 166 -13.18 10.92 20.43
N PHE B 167 -12.55 9.82 20.86
CA PHE B 167 -13.23 8.75 21.58
C PHE B 167 -13.42 9.10 23.06
N THR B 168 -12.60 10.01 23.59
CA THR B 168 -12.67 10.40 25.02
C THR B 168 -13.28 11.81 25.18
N ARG B 169 -13.11 12.67 24.18
CA ARG B 169 -13.63 14.06 24.24
C ARG B 169 -14.20 14.45 22.87
N PRO B 170 -15.30 13.78 22.42
CA PRO B 170 -15.84 14.02 21.08
C PRO B 170 -16.37 15.45 20.81
N SER B 171 -16.70 16.19 21.87
CA SER B 171 -17.29 17.53 21.76
C SER B 171 -16.22 18.63 21.75
N MET B 172 -14.95 18.27 21.99
CA MET B 172 -13.85 19.22 22.13
C MET B 172 -13.57 19.91 20.79
N PHE B 173 -13.63 19.15 19.69
CA PHE B 173 -13.41 19.68 18.34
C PHE B 173 -14.58 19.28 17.43
N ASP B 174 -14.72 20.02 16.32
CA ASP B 174 -15.74 19.77 15.31
C ASP B 174 -15.26 18.67 14.35
N ALA B 175 -13.96 18.70 14.00
CA ALA B 175 -13.35 17.73 13.10
C ALA B 175 -12.11 17.11 13.77
N TYR B 176 -11.92 15.81 13.55
CA TYR B 176 -10.74 15.07 13.98
C TYR B 176 -10.09 14.44 12.74
N ILE B 177 -8.90 14.93 12.38
CA ILE B 177 -8.22 14.52 11.17
C ILE B 177 -7.01 13.66 11.56
N ALA B 178 -7.15 12.33 11.36
CA ALA B 178 -6.14 11.35 11.71
C ALA B 178 -5.46 10.82 10.44
N SER B 179 -4.26 11.34 10.17
CA SER B 179 -3.44 10.91 9.03
C SER B 179 -2.58 9.70 9.44
N SER B 180 -2.72 8.60 8.70
CA SER B 180 -1.98 7.37 8.92
C SER B 180 -1.86 7.08 10.41
N PRO B 181 -2.98 6.94 11.15
CA PRO B 181 -2.94 6.81 12.60
C PRO B 181 -2.26 5.51 13.04
N SER B 182 -1.41 5.60 14.07
CA SER B 182 -0.67 4.46 14.60
C SER B 182 -1.59 3.63 15.51
N ILE B 183 -2.57 2.97 14.89
CA ILE B 183 -3.57 2.17 15.60
C ILE B 183 -2.88 0.95 16.23
N TRP B 184 -1.78 0.50 15.60
CA TRP B 184 -0.96 -0.62 16.06
C TRP B 184 -0.44 -0.42 17.49
N TRP B 185 -0.24 0.84 17.90
CA TRP B 185 0.53 1.17 19.10
C TRP B 185 -0.03 0.45 20.34
N ASN B 186 0.90 -0.16 21.09
CA ASN B 186 0.64 -0.79 22.40
C ASN B 186 -0.54 -1.76 22.28
N GLY B 187 -0.37 -2.77 21.42
CA GLY B 187 -1.34 -3.85 21.22
C GLY B 187 -2.71 -3.32 20.81
N ARG B 188 -2.72 -2.25 20.00
CA ARG B 188 -3.93 -1.67 19.42
C ARG B 188 -4.92 -1.29 20.52
N CYS B 189 -4.43 -0.58 21.55
CA CYS B 189 -5.23 -0.22 22.72
C CYS B 189 -6.28 0.84 22.37
N ILE B 190 -6.09 1.56 21.25
CA ILE B 190 -7.02 2.59 20.79
C ILE B 190 -8.36 1.95 20.40
N LEU B 191 -8.33 0.70 19.93
CA LEU B 191 -9.55 -0.04 19.56
C LEU B 191 -10.47 -0.22 20.77
N ASN B 192 -9.87 -0.33 21.97
CA ASN B 192 -10.61 -0.43 23.23
C ASN B 192 -11.38 0.87 23.48
N GLU B 193 -10.74 2.00 23.21
CA GLU B 193 -11.35 3.33 23.40
C GLU B 193 -12.46 3.54 22.36
N ALA B 194 -12.25 3.02 21.14
CA ALA B 194 -13.25 3.08 20.07
C ALA B 194 -14.51 2.31 20.49
N LYS B 195 -14.31 1.11 21.06
CA LYS B 195 -15.39 0.28 21.57
C LYS B 195 -16.12 1.00 22.72
N ALA B 196 -15.34 1.56 23.65
CA ALA B 196 -15.86 2.29 24.81
C ALA B 196 -16.73 3.46 24.34
N PHE B 197 -16.31 4.13 23.27
CA PHE B 197 -16.99 5.30 22.71
C PHE B 197 -18.40 4.94 22.25
N THR B 198 -18.55 3.75 21.64
CA THR B 198 -19.82 3.32 21.03
C THR B 198 -20.80 2.79 22.08
N ARG B 199 -20.28 2.21 23.17
CA ARG B 199 -21.10 1.52 24.19
C ARG B 199 -21.45 2.44 25.37
N LYS B 200 -20.80 3.61 25.43
CA LYS B 200 -20.91 4.54 26.57
C LYS B 200 -22.37 5.01 26.74
N ILE B 201 -22.69 5.50 27.94
CA ILE B 201 -24.03 5.98 28.26
C ILE B 201 -24.27 7.30 27.53
N LYS B 202 -25.53 7.51 27.12
CA LYS B 202 -26.02 8.64 26.28
C LYS B 202 -26.30 8.10 24.87
N GLU B 211 -28.21 23.14 19.98
CA GLU B 211 -28.43 22.12 18.95
C GLU B 211 -27.65 20.85 19.33
N LYS B 212 -27.70 19.84 18.46
CA LYS B 212 -26.92 18.61 18.60
C LYS B 212 -25.67 18.74 17.70
N LYS B 213 -24.51 18.86 18.35
CA LYS B 213 -23.21 18.95 17.67
C LYS B 213 -22.49 17.61 17.79
N LEU B 214 -22.30 16.95 16.64
CA LEU B 214 -21.59 15.68 16.55
C LEU B 214 -20.29 15.89 15.78
N PRO B 215 -19.19 15.21 16.17
CA PRO B 215 -17.90 15.39 15.50
C PRO B 215 -17.80 14.60 14.20
N SER B 216 -16.89 15.04 13.32
CA SER B 216 -16.54 14.34 12.10
C SER B 216 -15.13 13.77 12.22
N LEU B 217 -14.95 12.53 11.76
CA LEU B 217 -13.65 11.88 11.70
C LEU B 217 -13.22 11.79 10.23
N MET B 218 -12.03 12.32 9.95
CA MET B 218 -11.44 12.32 8.61
C MET B 218 -10.07 11.64 8.67
N MET B 219 -9.96 10.50 7.98
CA MET B 219 -8.79 9.64 8.07
C MET B 219 -8.14 9.49 6.69
N TYR B 220 -6.81 9.36 6.69
CA TYR B 220 -6.02 9.26 5.47
C TYR B 220 -4.91 8.23 5.68
N LEU B 221 -4.40 7.70 4.56
CA LEU B 221 -3.34 6.71 4.56
C LEU B 221 -2.62 6.72 3.22
N GLY B 222 -1.31 6.52 3.25
CA GLY B 222 -0.51 6.26 2.07
C GLY B 222 -0.66 4.81 1.63
N GLY B 223 -0.82 4.59 0.33
CA GLY B 223 -1.04 3.26 -0.24
C GLY B 223 0.16 2.34 -0.07
N LEU B 224 1.36 2.93 0.06
CA LEU B 224 2.61 2.19 0.16
C LEU B 224 2.91 1.77 1.60
N GLU B 225 2.05 2.13 2.55
CA GLU B 225 2.25 1.79 3.96
C GLU B 225 1.92 0.31 4.18
N GLN B 226 0.69 -0.10 3.81
CA GLN B 226 0.24 -1.48 3.91
C GLN B 226 0.89 -2.31 2.81
N ASP B 227 1.01 -1.73 1.61
CA ASP B 227 1.50 -2.41 0.42
C ASP B 227 2.69 -1.66 -0.14
N PRO B 228 3.89 -1.77 0.49
CA PRO B 228 5.09 -1.08 0.00
C PRO B 228 5.47 -1.46 -1.45
N ARG B 229 6.25 -0.57 -2.07
CA ARG B 229 6.74 -0.70 -3.43
C ARG B 229 8.25 -0.97 -3.38
N ARG B 230 8.69 -2.05 -4.03
CA ARG B 230 10.09 -2.47 -4.00
C ARG B 230 10.96 -1.39 -4.67
N TRP B 231 12.09 -1.06 -4.03
CA TRP B 231 13.01 -0.04 -4.51
C TRP B 231 13.92 -0.63 -5.60
N ASN B 232 14.63 0.26 -6.31
CA ASN B 232 15.45 -0.10 -7.47
C ASN B 232 16.49 -1.16 -7.07
N ASP B 233 16.28 -2.38 -7.56
CA ASP B 233 17.19 -3.52 -7.35
C ASP B 233 17.46 -3.68 -5.84
N GLU B 234 16.42 -3.50 -5.03
CA GLU B 234 16.49 -3.58 -3.57
C GLU B 234 16.87 -5.02 -3.18
N PRO B 235 17.89 -5.23 -2.32
CA PRO B 235 18.26 -6.58 -1.89
C PRO B 235 17.08 -7.32 -1.24
N ASP B 236 17.15 -8.66 -1.25
CA ASP B 236 16.06 -9.52 -0.81
C ASP B 236 15.69 -9.24 0.65
N GLU B 237 16.70 -9.15 1.53
CA GLU B 237 16.49 -9.08 2.98
C GLU B 237 15.90 -7.71 3.35
N SER B 238 16.27 -6.66 2.61
CA SER B 238 15.70 -5.32 2.79
C SER B 238 14.21 -5.35 2.45
N TRP B 239 13.88 -5.93 1.29
CA TRP B 239 12.52 -6.02 0.78
C TRP B 239 11.63 -6.84 1.72
N GLU B 240 12.17 -7.96 2.22
CA GLU B 240 11.47 -8.86 3.13
C GLU B 240 11.19 -8.15 4.46
N GLY B 241 12.16 -7.36 4.93
CA GLY B 241 12.05 -6.58 6.17
C GLY B 241 10.90 -5.60 6.13
N ARG B 242 10.77 -4.88 5.00
CA ARG B 242 9.77 -3.82 4.84
C ARG B 242 8.36 -4.43 4.73
N LYS B 243 8.26 -5.62 4.12
CA LYS B 243 6.99 -6.34 3.97
C LYS B 243 6.52 -6.85 5.34
N ARG B 244 7.47 -7.35 6.14
CA ARG B 244 7.18 -7.82 7.51
C ARG B 244 6.76 -6.63 8.38
N ASP B 245 7.45 -5.50 8.23
CA ASP B 245 7.15 -4.26 8.97
C ASP B 245 5.73 -3.79 8.62
N ALA B 246 5.37 -3.85 7.33
CA ALA B 246 4.04 -3.48 6.83
C ALA B 246 2.98 -4.39 7.47
N GLU B 247 3.29 -5.70 7.55
CA GLU B 247 2.43 -6.69 8.20
C GLU B 247 2.25 -6.33 9.69
N ALA B 248 3.37 -6.04 10.37
CA ALA B 248 3.39 -5.74 11.79
C ALA B 248 2.48 -4.54 12.10
N PHE B 249 2.71 -3.44 11.38
CA PHE B 249 1.99 -2.18 11.60
C PHE B 249 0.53 -2.30 11.13
N ASN B 250 0.32 -3.02 10.01
CA ASN B 250 -1.02 -3.31 9.48
C ASN B 250 -1.85 -2.03 9.47
N MET B 251 -1.35 -1.01 8.79
CA MET B 251 -1.92 0.34 8.82
C MET B 251 -3.34 0.35 8.24
N LYS B 252 -3.52 -0.31 7.09
CA LYS B 252 -4.83 -0.37 6.42
C LYS B 252 -5.75 -1.34 7.16
N VAL B 253 -5.22 -2.52 7.53
CA VAL B 253 -5.98 -3.58 8.18
C VAL B 253 -6.59 -3.04 9.48
N ASN B 254 -5.76 -2.34 10.28
CA ASN B 254 -6.17 -1.81 11.57
C ASN B 254 -7.20 -0.68 11.38
N LEU B 255 -6.99 0.16 10.36
CA LEU B 255 -7.87 1.31 10.09
C LEU B 255 -9.26 0.81 9.70
N LEU B 256 -9.32 -0.21 8.83
CA LEU B 256 -10.59 -0.80 8.38
C LEU B 256 -11.35 -1.39 9.57
N GLU B 257 -10.62 -2.08 10.47
CA GLU B 257 -11.21 -2.70 11.65
C GLU B 257 -11.82 -1.62 12.56
N LEU B 258 -11.09 -0.51 12.73
CA LEU B 258 -11.55 0.63 13.51
C LEU B 258 -12.84 1.19 12.90
N MET B 259 -12.86 1.32 11.56
CA MET B 259 -14.02 1.83 10.84
C MET B 259 -15.22 0.89 11.03
N GLY B 260 -14.95 -0.42 11.06
CA GLY B 260 -15.95 -1.44 11.34
C GLY B 260 -16.59 -1.27 12.71
N LEU B 261 -15.78 -0.85 13.70
CA LEU B 261 -16.22 -0.70 15.09
C LEU B 261 -17.17 0.51 15.24
N ILE B 262 -16.92 1.58 14.47
CA ILE B 262 -17.66 2.84 14.60
C ILE B 262 -18.63 3.03 13.43
N ARG B 263 -18.75 2.02 12.56
CA ARG B 263 -19.64 2.07 11.41
C ARG B 263 -21.10 2.08 11.89
N GLY B 264 -21.84 3.12 11.50
CA GLY B 264 -23.25 3.28 11.82
C GLY B 264 -23.48 3.81 13.23
N CYS B 265 -22.43 4.39 13.83
CA CYS B 265 -22.52 5.01 15.15
C CYS B 265 -23.08 6.43 15.00
N THR B 266 -24.17 6.70 15.74
CA THR B 266 -24.95 7.93 15.60
C THR B 266 -24.33 9.06 16.43
N ARG B 267 -23.24 8.75 17.15
CA ARG B 267 -22.52 9.71 17.98
C ARG B 267 -21.43 10.39 17.15
N LEU B 268 -21.27 9.96 15.89
CA LEU B 268 -20.42 10.62 14.90
C LEU B 268 -21.32 11.23 13.81
N HIS B 269 -20.96 12.43 13.35
CA HIS B 269 -21.63 13.09 12.23
C HIS B 269 -21.30 12.35 10.92
N ALA B 270 -20.01 12.09 10.71
CA ALA B 270 -19.53 11.41 9.51
C ALA B 270 -18.12 10.85 9.73
N VAL B 271 -17.81 9.77 9.02
CA VAL B 271 -16.47 9.18 8.95
C VAL B 271 -16.08 9.13 7.46
N SER B 272 -14.94 9.76 7.13
CA SER B 272 -14.37 9.71 5.79
C SER B 272 -12.98 9.06 5.85
N PHE B 273 -12.65 8.31 4.79
CA PHE B 273 -11.33 7.73 4.62
C PHE B 273 -10.92 7.83 3.14
N SER B 274 -9.71 8.34 2.91
CA SER B 274 -9.13 8.44 1.58
C SER B 274 -7.71 7.85 1.62
N GLU B 275 -7.41 6.98 0.66
CA GLU B 275 -6.09 6.36 0.50
C GLU B 275 -5.37 7.01 -0.68
N TYR B 276 -4.09 7.35 -0.49
CA TYR B 276 -3.24 7.96 -1.51
C TYR B 276 -2.32 6.89 -2.11
N ALA B 277 -2.70 6.38 -3.28
CA ALA B 277 -1.86 5.45 -4.04
C ALA B 277 -0.53 6.13 -4.37
N GLY B 278 0.58 5.44 -4.08
CA GLY B 278 1.91 5.90 -4.46
C GLY B 278 2.58 6.79 -3.41
N GLU B 279 1.85 7.10 -2.33
CA GLU B 279 2.39 7.88 -1.21
C GLU B 279 2.76 6.91 -0.08
N ASP B 280 3.89 7.18 0.58
CA ASP B 280 4.36 6.40 1.73
C ASP B 280 4.01 7.18 3.01
N HIS B 281 4.41 6.62 4.16
CA HIS B 281 4.10 7.15 5.48
C HIS B 281 4.56 8.60 5.62
N GLY B 282 5.68 8.95 4.96
CA GLY B 282 6.26 10.29 4.99
C GLY B 282 5.61 11.24 4.00
N THR B 283 5.47 10.80 2.74
CA THR B 283 5.08 11.67 1.63
C THR B 283 3.59 12.05 1.74
N VAL B 284 2.79 11.20 2.40
CA VAL B 284 1.33 11.38 2.50
C VAL B 284 1.00 12.55 3.44
N MET B 285 1.94 12.93 4.31
CA MET B 285 1.72 13.90 5.37
C MET B 285 1.18 15.21 4.79
N ALA B 286 1.88 15.76 3.79
CA ALA B 286 1.51 17.01 3.13
C ALA B 286 0.16 16.87 2.41
N CYS B 287 -0.07 15.68 1.84
CA CYS B 287 -1.29 15.38 1.08
C CYS B 287 -2.51 15.40 2.01
N SER B 288 -2.42 14.65 3.12
CA SER B 288 -3.53 14.48 4.07
C SER B 288 -3.84 15.80 4.78
N LEU B 289 -2.79 16.54 5.14
CA LEU B 289 -2.93 17.84 5.82
C LEU B 289 -3.64 18.83 4.91
N GLY B 290 -3.16 18.93 3.66
CA GLY B 290 -3.72 19.85 2.66
C GLY B 290 -5.17 19.55 2.33
N ARG B 291 -5.48 18.25 2.16
CA ARG B 291 -6.81 17.79 1.77
C ARG B 291 -7.79 17.97 2.93
N GLY B 292 -7.40 17.50 4.12
CA GLY B 292 -8.22 17.59 5.32
C GLY B 292 -8.55 19.03 5.67
N PHE B 293 -7.53 19.89 5.62
CA PHE B 293 -7.65 21.29 6.01
C PHE B 293 -8.57 22.03 5.02
N SER B 294 -8.36 21.79 3.71
CA SER B 294 -9.14 22.47 2.67
C SER B 294 -10.60 21.99 2.70
N THR B 295 -10.81 20.69 2.98
CA THR B 295 -12.16 20.13 3.16
C THR B 295 -12.84 20.83 4.36
N PHE B 296 -12.11 20.91 5.48
CA PHE B 296 -12.59 21.53 6.71
C PHE B 296 -12.94 23.00 6.46
N MET B 297 -12.14 23.67 5.61
CA MET B 297 -12.32 25.09 5.31
C MET B 297 -13.50 25.29 4.33
N GLU B 298 -13.56 24.48 3.27
CA GLU B 298 -14.31 24.84 2.05
C GLU B 298 -15.58 24.01 1.84
N ASP B 299 -15.64 22.79 2.41
CA ASP B 299 -16.73 21.85 2.13
C ASP B 299 -17.42 21.39 3.43
N TRP B 300 -17.60 22.34 4.37
CA TRP B 300 -18.20 22.03 5.66
C TRP B 300 -19.68 22.42 5.63
N PRO B 301 -20.57 21.54 6.14
CA PRO B 301 -20.24 20.25 6.71
C PRO B 301 -20.14 19.14 5.66
N VAL B 302 -19.35 18.10 5.98
CA VAL B 302 -19.29 16.87 5.20
C VAL B 302 -20.66 16.19 5.27
N PRO B 303 -21.23 15.71 4.13
CA PRO B 303 -22.55 15.09 4.14
C PRO B 303 -22.60 13.81 4.99
N ARG B 304 -23.76 13.55 5.60
CA ARG B 304 -23.97 12.41 6.48
C ARG B 304 -24.08 11.14 5.62
N PRO C 8 -33.24 -2.61 0.69
CA PRO C 8 -32.88 -3.59 -0.33
C PRO C 8 -32.02 -2.96 -1.45
N ALA C 9 -30.72 -3.26 -1.42
CA ALA C 9 -29.73 -2.65 -2.30
C ALA C 9 -29.74 -3.32 -3.67
N VAL C 10 -29.21 -2.60 -4.67
CA VAL C 10 -29.00 -3.12 -6.02
C VAL C 10 -27.71 -3.94 -6.02
N VAL C 11 -27.69 -5.00 -6.84
CA VAL C 11 -26.54 -5.90 -6.93
C VAL C 11 -25.50 -5.28 -7.87
N SER C 12 -24.33 -4.93 -7.32
CA SER C 12 -23.21 -4.37 -8.07
C SER C 12 -21.93 -5.17 -7.73
N LEU C 13 -21.12 -5.44 -8.77
CA LEU C 13 -19.93 -6.28 -8.65
C LEU C 13 -18.73 -5.45 -8.24
N PRO C 14 -17.82 -6.00 -7.40
CA PRO C 14 -16.49 -5.42 -7.20
C PRO C 14 -15.50 -5.98 -8.25
N SER C 15 -14.31 -5.38 -8.30
CA SER C 15 -13.20 -5.86 -9.13
C SER C 15 -13.66 -6.07 -10.58
N SER C 16 -14.48 -5.15 -11.08
CA SER C 16 -15.03 -5.21 -12.43
C SER C 16 -15.59 -3.85 -12.83
N GLU C 17 -15.77 -3.66 -14.14
CA GLU C 17 -16.30 -2.43 -14.71
C GLU C 17 -16.79 -2.72 -16.14
N GLN C 18 -17.57 -1.78 -16.70
CA GLN C 18 -18.08 -1.87 -18.05
C GLN C 18 -18.04 -0.49 -18.72
N PHE C 19 -17.86 -0.50 -20.05
CA PHE C 19 -17.87 0.70 -20.87
C PHE C 19 -18.23 0.32 -22.31
N TYR C 20 -18.65 1.33 -23.09
CA TYR C 20 -19.04 1.15 -24.47
C TYR C 20 -17.90 1.60 -25.40
N LEU C 21 -17.74 0.87 -26.51
CA LEU C 21 -16.87 1.26 -27.62
C LEU C 21 -17.62 1.05 -28.93
N ASN C 22 -17.37 1.95 -29.90
CA ASN C 22 -17.97 1.88 -31.23
C ASN C 22 -16.93 1.36 -32.22
N ASN C 23 -17.38 0.53 -33.17
CA ASN C 23 -16.53 -0.01 -34.23
C ASN C 23 -16.38 1.04 -35.33
N SER C 24 -15.69 0.66 -36.41
CA SER C 24 -15.44 1.51 -37.57
C SER C 24 -16.77 2.06 -38.14
N ARG C 25 -17.81 1.22 -38.11
CA ARG C 25 -19.11 1.52 -38.72
C ARG C 25 -19.93 2.47 -37.82
N GLY C 26 -19.57 2.54 -36.53
CA GLY C 26 -20.26 3.37 -35.55
C GLY C 26 -21.33 2.61 -34.78
N GLU C 27 -21.21 1.27 -34.78
CA GLU C 27 -22.12 0.38 -34.06
C GLU C 27 -21.60 0.18 -32.63
N ARG C 28 -22.49 0.31 -31.64
CA ARG C 28 -22.13 0.28 -30.23
C ARG C 28 -21.81 -1.16 -29.79
N TYR C 29 -20.88 -1.28 -28.83
CA TYR C 29 -20.55 -2.53 -28.16
C TYR C 29 -20.29 -2.27 -26.68
N LEU C 30 -21.01 -3.00 -25.82
CA LEU C 30 -20.75 -3.01 -24.38
C LEU C 30 -19.56 -3.94 -24.12
N ILE C 31 -18.50 -3.37 -23.53
CA ILE C 31 -17.35 -4.13 -23.05
C ILE C 31 -17.44 -4.23 -21.53
N GLN C 32 -17.40 -5.46 -21.01
CA GLN C 32 -17.42 -5.74 -19.58
C GLN C 32 -16.12 -6.46 -19.21
N VAL C 33 -15.44 -5.95 -18.16
CA VAL C 33 -14.13 -6.43 -17.75
C VAL C 33 -14.17 -6.74 -16.25
N SER C 34 -13.43 -7.79 -15.85
CA SER C 34 -13.27 -8.17 -14.45
C SER C 34 -11.90 -8.83 -14.23
N TRP C 35 -11.45 -8.78 -12.98
CA TRP C 35 -10.12 -9.22 -12.56
C TRP C 35 -10.20 -9.79 -11.15
N PRO C 36 -9.18 -10.55 -10.66
CA PRO C 36 -9.24 -11.16 -9.33
C PRO C 36 -9.48 -10.12 -8.22
N LEU C 37 -10.17 -10.56 -7.16
CA LEU C 37 -10.65 -9.68 -6.09
C LEU C 37 -9.48 -9.26 -5.19
N HIS C 38 -8.44 -10.11 -5.12
CA HIS C 38 -7.28 -9.90 -4.23
C HIS C 38 -6.43 -8.73 -4.71
N TRP C 39 -6.56 -8.33 -5.98
CA TRP C 39 -5.89 -7.15 -6.54
C TRP C 39 -6.34 -5.88 -5.80
N LYS C 40 -5.38 -4.99 -5.52
CA LYS C 40 -5.70 -3.65 -5.02
C LYS C 40 -6.00 -2.75 -6.23
N ASP C 41 -7.29 -2.47 -6.42
CA ASP C 41 -7.80 -1.79 -7.61
C ASP C 41 -7.44 -2.66 -8.83
N HIS C 42 -6.71 -2.10 -9.81
CA HIS C 42 -6.36 -2.80 -11.06
C HIS C 42 -4.99 -3.48 -10.94
N LYS C 43 -4.27 -3.23 -9.84
CA LYS C 43 -2.86 -3.61 -9.70
C LYS C 43 -2.79 -4.93 -8.95
N PRO C 44 -2.11 -5.97 -9.51
CA PRO C 44 -1.82 -7.20 -8.76
C PRO C 44 -1.12 -6.93 -7.42
N ASP C 45 -1.60 -7.62 -6.37
CA ASP C 45 -1.03 -7.52 -5.02
C ASP C 45 0.26 -8.35 -4.92
N THR C 46 0.46 -9.25 -5.89
CA THR C 46 1.65 -10.08 -5.98
C THR C 46 2.62 -9.47 -7.01
N ASP C 47 3.92 -9.68 -6.80
CA ASP C 47 4.99 -9.07 -7.62
C ASP C 47 4.81 -9.52 -9.08
N ARG C 48 4.78 -10.84 -9.29
CA ARG C 48 4.40 -11.47 -10.55
C ARG C 48 3.10 -10.84 -11.07
N ASN C 49 3.12 -10.37 -12.32
CA ASN C 49 2.03 -9.56 -12.87
C ASN C 49 1.99 -9.71 -14.40
N ASP C 50 1.97 -10.96 -14.88
CA ASP C 50 1.66 -11.28 -16.27
C ASP C 50 0.58 -12.36 -16.28
N VAL C 51 -0.67 -11.94 -16.51
CA VAL C 51 -1.84 -12.80 -16.34
C VAL C 51 -2.43 -13.14 -17.70
N PRO C 52 -2.96 -14.37 -17.88
CA PRO C 52 -3.71 -14.73 -19.09
C PRO C 52 -5.05 -13.98 -19.14
N LEU C 53 -5.51 -13.67 -20.36
CA LEU C 53 -6.72 -12.88 -20.59
C LEU C 53 -7.62 -13.63 -21.58
N ILE C 54 -8.94 -13.56 -21.36
CA ILE C 54 -9.94 -14.21 -22.21
C ILE C 54 -10.91 -13.15 -22.75
N TYR C 55 -11.20 -13.27 -24.05
CA TYR C 55 -12.24 -12.47 -24.74
C TYR C 55 -13.45 -13.38 -24.99
N ILE C 56 -14.65 -12.88 -24.66
CA ILE C 56 -15.89 -13.64 -24.75
C ILE C 56 -16.89 -12.86 -25.61
N VAL C 57 -17.33 -13.47 -26.72
CA VAL C 57 -18.44 -12.95 -27.52
C VAL C 57 -19.75 -13.46 -26.92
N ASP C 58 -20.85 -12.80 -27.26
CA ASP C 58 -22.13 -12.92 -26.53
C ASP C 58 -21.85 -12.59 -25.05
N GLY C 59 -21.20 -11.44 -24.84
CA GLY C 59 -20.68 -11.03 -23.54
C GLY C 59 -21.76 -10.89 -22.48
N ASN C 60 -22.95 -10.45 -22.89
CA ASN C 60 -24.09 -10.24 -21.99
C ASN C 60 -24.52 -11.57 -21.37
N ALA C 61 -24.39 -12.66 -22.15
CA ALA C 61 -24.85 -13.98 -21.74
C ALA C 61 -23.85 -14.67 -20.81
N LEU C 62 -22.57 -14.26 -20.84
CA LEU C 62 -21.48 -15.06 -20.25
C LEU C 62 -20.55 -14.26 -19.33
N PHE C 63 -20.75 -12.95 -19.18
CA PHE C 63 -19.80 -12.12 -18.41
C PHE C 63 -19.76 -12.58 -16.94
N LEU C 64 -20.94 -12.69 -16.33
CA LEU C 64 -21.08 -13.01 -14.89
C LEU C 64 -20.54 -14.42 -14.61
N THR C 65 -20.77 -15.35 -15.54
CA THR C 65 -20.31 -16.74 -15.41
C THR C 65 -18.77 -16.78 -15.41
N ALA C 66 -18.16 -16.08 -16.38
CA ALA C 66 -16.71 -16.00 -16.52
C ALA C 66 -16.08 -15.37 -15.28
N THR C 67 -16.69 -14.29 -14.79
CA THR C 67 -16.18 -13.50 -13.67
C THR C 67 -16.20 -14.32 -12.38
N GLU C 68 -17.33 -14.97 -12.10
CA GLU C 68 -17.52 -15.70 -10.84
C GLU C 68 -16.69 -17.00 -10.87
N ALA C 69 -16.50 -17.57 -12.06
CA ALA C 69 -15.62 -18.71 -12.26
C ALA C 69 -14.17 -18.31 -11.90
N LEU C 70 -13.76 -17.13 -12.37
CA LEU C 70 -12.43 -16.56 -12.10
C LEU C 70 -12.22 -16.43 -10.59
N TRP C 71 -13.22 -15.88 -9.88
CA TRP C 71 -13.12 -15.53 -8.46
C TRP C 71 -13.10 -16.79 -7.59
N ARG C 72 -14.01 -17.74 -7.89
CA ARG C 72 -14.07 -19.03 -7.19
C ARG C 72 -12.71 -19.75 -7.29
N ARG C 73 -12.03 -19.57 -8.43
CA ARG C 73 -10.83 -20.33 -8.78
C ARG C 73 -9.64 -19.88 -7.90
N SER C 74 -9.75 -18.71 -7.27
CA SER C 74 -8.70 -18.18 -6.39
C SER C 74 -8.51 -19.06 -5.15
N ALA C 75 -9.59 -19.74 -4.73
CA ALA C 75 -9.59 -20.56 -3.51
C ALA C 75 -9.14 -22.00 -3.80
N ASP C 76 -8.87 -22.32 -5.07
CA ASP C 76 -8.45 -23.66 -5.48
C ASP C 76 -6.93 -23.78 -5.34
N SER C 77 -6.46 -25.02 -5.11
CA SER C 77 -5.05 -25.33 -4.91
C SER C 77 -4.27 -25.16 -6.22
N HIS C 78 -4.96 -25.35 -7.36
CA HIS C 78 -4.35 -25.28 -8.69
C HIS C 78 -4.58 -23.90 -9.32
N TYR C 79 -4.67 -22.86 -8.48
CA TYR C 79 -4.84 -21.48 -8.92
C TYR C 79 -3.52 -20.96 -9.49
N CYS C 80 -3.59 -20.32 -10.66
CA CYS C 80 -2.41 -19.84 -11.39
C CYS C 80 -1.83 -18.60 -10.70
N GLY C 81 -2.72 -17.67 -10.32
CA GLY C 81 -2.35 -16.41 -9.69
C GLY C 81 -3.34 -15.30 -10.01
N GLY C 82 -3.79 -15.26 -11.27
CA GLY C 82 -4.75 -14.27 -11.74
C GLY C 82 -5.16 -14.49 -13.19
N GLY C 83 -6.11 -13.66 -13.64
CA GLY C 83 -6.62 -13.68 -15.01
C GLY C 83 -7.67 -12.61 -15.21
N ILE C 84 -7.72 -12.02 -16.40
CA ILE C 84 -8.64 -10.93 -16.72
C ILE C 84 -9.69 -11.44 -17.73
N VAL C 85 -10.95 -11.06 -17.47
CA VAL C 85 -12.09 -11.41 -18.32
C VAL C 85 -12.47 -10.17 -19.13
N VAL C 86 -12.80 -10.38 -20.42
CA VAL C 86 -13.29 -9.33 -21.31
C VAL C 86 -14.50 -9.87 -22.09
N ALA C 87 -15.69 -9.40 -21.72
CA ALA C 87 -16.94 -9.80 -22.36
C ALA C 87 -17.37 -8.72 -23.36
N ILE C 88 -17.43 -9.10 -24.65
CA ILE C 88 -17.81 -8.22 -25.75
C ILE C 88 -19.30 -8.42 -26.05
N GLY C 89 -20.13 -7.52 -25.51
CA GLY C 89 -21.59 -7.60 -25.62
C GLY C 89 -22.19 -6.42 -26.35
N TYR C 90 -23.51 -6.25 -26.20
CA TYR C 90 -24.30 -5.25 -26.91
C TYR C 90 -25.14 -4.46 -25.91
N PRO C 91 -25.74 -3.31 -26.30
CA PRO C 91 -26.65 -2.57 -25.42
C PRO C 91 -28.04 -3.24 -25.43
N LEU C 92 -28.35 -3.97 -24.35
CA LEU C 92 -29.61 -4.72 -24.23
C LEU C 92 -30.33 -4.31 -22.94
N GLU C 93 -30.22 -3.04 -22.55
CA GLU C 93 -30.87 -2.51 -21.36
C GLU C 93 -32.35 -2.28 -21.65
N GLY C 94 -33.22 -2.90 -20.83
CA GLY C 94 -34.68 -2.72 -20.90
C GLY C 94 -35.33 -3.64 -21.93
N THR C 95 -34.54 -4.57 -22.50
CA THR C 95 -34.99 -5.46 -23.57
C THR C 95 -35.53 -6.76 -22.98
N GLY C 96 -34.85 -7.27 -21.96
CA GLY C 96 -35.16 -8.55 -21.33
C GLY C 96 -34.51 -9.72 -22.06
N LYS C 97 -33.33 -9.46 -22.65
CA LYS C 97 -32.57 -10.46 -23.41
C LYS C 97 -31.09 -10.37 -23.00
N VAL C 98 -30.37 -11.49 -23.22
CA VAL C 98 -28.92 -11.56 -23.02
C VAL C 98 -28.24 -11.93 -24.35
N TYR C 99 -29.01 -11.95 -25.45
CA TYR C 99 -28.49 -12.08 -26.81
C TYR C 99 -29.15 -11.01 -27.70
N HIS C 100 -28.33 -10.33 -28.52
CA HIS C 100 -28.82 -9.47 -29.58
C HIS C 100 -28.80 -10.26 -30.90
N ARG C 101 -29.98 -10.73 -31.33
CA ARG C 101 -30.13 -11.66 -32.44
C ARG C 101 -29.57 -11.04 -33.74
N VAL C 102 -30.04 -9.83 -34.08
CA VAL C 102 -29.69 -9.15 -35.33
C VAL C 102 -28.17 -8.93 -35.38
N ARG C 103 -27.61 -8.36 -34.31
CA ARG C 103 -26.21 -7.93 -34.25
C ARG C 103 -25.28 -9.16 -34.27
N ARG C 104 -25.57 -10.14 -33.40
CA ARG C 104 -24.72 -11.34 -33.26
C ARG C 104 -24.77 -12.15 -34.56
N GLY C 105 -25.94 -12.17 -35.21
CA GLY C 105 -26.12 -12.83 -36.50
C GLY C 105 -25.11 -12.35 -37.52
N PHE C 106 -24.95 -11.03 -37.62
CA PHE C 106 -24.01 -10.41 -38.55
C PHE C 106 -22.57 -10.62 -38.05
N ASP C 107 -22.34 -10.35 -36.76
CA ASP C 107 -20.99 -10.22 -36.20
C ASP C 107 -20.28 -11.58 -36.15
N LEU C 108 -20.99 -12.65 -35.79
CA LEU C 108 -20.36 -13.92 -35.42
C LEU C 108 -20.30 -14.91 -36.60
N THR C 109 -20.97 -14.58 -37.73
CA THR C 109 -21.04 -15.48 -38.88
C THR C 109 -19.94 -15.12 -39.89
N VAL C 110 -19.61 -16.10 -40.74
CA VAL C 110 -18.45 -16.07 -41.62
C VAL C 110 -18.79 -15.30 -42.90
N PRO C 111 -17.91 -14.38 -43.36
CA PRO C 111 -18.09 -13.74 -44.67
C PRO C 111 -17.83 -14.73 -45.82
N THR C 112 -18.80 -14.84 -46.73
CA THR C 112 -18.66 -15.57 -47.96
C THR C 112 -18.78 -14.58 -49.11
N PRO C 113 -17.71 -13.81 -49.42
CA PRO C 113 -17.77 -12.75 -50.43
C PRO C 113 -18.18 -13.30 -51.82
N ASP C 114 -17.84 -14.57 -52.05
CA ASP C 114 -18.26 -15.35 -53.20
C ASP C 114 -19.77 -15.24 -53.39
N SER C 115 -20.53 -15.52 -52.31
CA SER C 115 -21.99 -15.51 -52.31
C SER C 115 -22.50 -14.93 -50.99
N PRO C 116 -22.65 -13.58 -50.88
CA PRO C 116 -23.12 -12.95 -49.66
C PRO C 116 -24.46 -13.50 -49.13
N VAL C 117 -24.58 -13.56 -47.80
CA VAL C 117 -25.81 -13.93 -47.11
C VAL C 117 -26.30 -12.71 -46.32
N GLU C 118 -27.57 -12.33 -46.55
CA GLU C 118 -28.15 -11.11 -46.01
C GLU C 118 -28.20 -11.20 -44.48
N GLY C 119 -27.65 -10.18 -43.81
CA GLY C 119 -27.65 -10.05 -42.36
C GLY C 119 -26.59 -10.93 -41.70
N HIS C 120 -25.60 -11.37 -42.47
CA HIS C 120 -24.57 -12.30 -42.00
C HIS C 120 -23.22 -11.98 -42.66
N GLY C 121 -22.14 -12.45 -42.02
CA GLY C 121 -20.79 -12.39 -42.58
C GLY C 121 -20.06 -11.10 -42.21
N GLY C 122 -20.08 -10.76 -40.92
CA GLY C 122 -19.41 -9.58 -40.39
C GLY C 122 -18.36 -9.94 -39.33
N ALA C 123 -17.73 -11.10 -39.51
CA ALA C 123 -16.74 -11.62 -38.56
C ALA C 123 -15.43 -10.81 -38.66
N ASP C 124 -15.00 -10.56 -39.90
CA ASP C 124 -13.77 -9.79 -40.17
C ASP C 124 -13.90 -8.39 -39.60
N ILE C 125 -15.10 -7.81 -39.66
CA ILE C 125 -15.39 -6.46 -39.17
C ILE C 125 -15.26 -6.45 -37.63
N LEU C 126 -15.78 -7.49 -36.97
CA LEU C 126 -15.69 -7.63 -35.51
C LEU C 126 -14.24 -7.90 -35.09
N LEU C 127 -13.55 -8.76 -35.85
CA LEU C 127 -12.15 -9.11 -35.57
C LEU C 127 -11.26 -7.86 -35.73
N ASP C 128 -11.59 -7.01 -36.71
CA ASP C 128 -10.92 -5.71 -36.87
C ASP C 128 -11.16 -4.86 -35.63
N PHE C 129 -12.42 -4.79 -35.19
CA PHE C 129 -12.84 -4.02 -34.03
C PHE C 129 -12.08 -4.47 -32.77
N ILE C 130 -11.94 -5.79 -32.60
CA ILE C 130 -11.27 -6.38 -31.44
C ILE C 130 -9.79 -5.98 -31.44
N ALA C 131 -9.13 -6.14 -32.59
CA ALA C 131 -7.70 -5.88 -32.73
C ALA C 131 -7.40 -4.37 -32.62
N GLU C 132 -8.15 -3.58 -33.38
CA GLU C 132 -7.87 -2.14 -33.56
C GLU C 132 -8.30 -1.34 -32.33
N THR C 133 -9.45 -1.70 -31.73
CA THR C 133 -10.12 -0.84 -30.73
C THR C 133 -10.20 -1.51 -29.36
N VAL C 134 -10.79 -2.70 -29.29
CA VAL C 134 -11.15 -3.33 -28.00
C VAL C 134 -9.86 -3.67 -27.24
N ARG C 135 -8.92 -4.35 -27.91
CA ARG C 135 -7.70 -4.86 -27.28
C ARG C 135 -6.93 -3.70 -26.63
N PRO C 136 -6.60 -2.61 -27.34
CA PRO C 136 -5.90 -1.47 -26.73
C PRO C 136 -6.64 -0.84 -25.53
N ALA C 137 -7.97 -0.73 -25.64
CA ALA C 137 -8.81 -0.12 -24.60
C ALA C 137 -8.65 -0.88 -23.28
N VAL C 138 -8.57 -2.22 -23.35
CA VAL C 138 -8.44 -3.08 -22.18
C VAL C 138 -7.02 -2.95 -21.60
N ARG C 139 -6.01 -2.84 -22.48
CA ARG C 139 -4.61 -2.63 -22.06
C ARG C 139 -4.50 -1.28 -21.34
N GLU C 140 -5.27 -0.28 -21.80
CA GLU C 140 -5.26 1.07 -21.26
C GLU C 140 -5.76 1.07 -19.80
N ARG C 141 -6.70 0.17 -19.49
CA ARG C 141 -7.26 0.04 -18.14
C ARG C 141 -6.23 -0.58 -17.18
N PHE C 142 -5.34 -1.42 -17.73
CA PHE C 142 -4.36 -2.18 -16.94
C PHE C 142 -2.94 -1.77 -17.33
N PRO C 143 -2.44 -0.60 -16.87
CA PRO C 143 -1.04 -0.24 -17.08
C PRO C 143 -0.02 -0.99 -16.19
N ASP C 144 -0.50 -1.68 -15.16
CA ASP C 144 0.37 -2.28 -14.12
C ASP C 144 0.53 -3.79 -14.33
N VAL C 145 -0.01 -4.35 -15.42
CA VAL C 145 0.06 -5.79 -15.68
C VAL C 145 0.27 -6.04 -17.18
N SER C 146 1.16 -6.99 -17.48
CA SER C 146 1.39 -7.51 -18.82
C SER C 146 0.42 -8.66 -19.09
N VAL C 147 0.05 -8.85 -20.36
CA VAL C 147 -0.81 -9.95 -20.78
C VAL C 147 0.08 -11.08 -21.32
N SER C 148 0.11 -12.19 -20.59
CA SER C 148 0.96 -13.34 -20.92
C SER C 148 0.43 -14.06 -22.17
N ARG C 149 -0.90 -14.19 -22.25
CA ARG C 149 -1.56 -14.84 -23.38
C ARG C 149 -3.04 -14.42 -23.45
N GLU C 150 -3.57 -14.43 -24.68
CA GLU C 150 -4.97 -14.07 -24.98
C GLU C 150 -5.72 -15.32 -25.45
N ALA C 151 -7.00 -15.40 -25.08
CA ALA C 151 -7.91 -16.45 -25.54
C ALA C 151 -9.19 -15.81 -26.09
N LEU C 152 -9.76 -16.44 -27.11
CA LEU C 152 -11.08 -16.08 -27.65
C LEU C 152 -12.05 -17.23 -27.39
N TYR C 153 -13.13 -16.93 -26.65
CA TYR C 153 -14.21 -17.88 -26.40
C TYR C 153 -15.48 -17.42 -27.12
N GLY C 154 -16.22 -18.39 -27.65
CA GLY C 154 -17.54 -18.17 -28.22
C GLY C 154 -18.33 -19.46 -28.27
N HIS C 155 -19.65 -19.35 -28.06
CA HIS C 155 -20.57 -20.48 -28.06
C HIS C 155 -21.53 -20.35 -29.25
N SER C 156 -21.77 -21.49 -29.92
CA SER C 156 -22.69 -21.59 -31.05
C SER C 156 -22.14 -20.78 -32.23
N TYR C 157 -22.81 -19.68 -32.62
CA TYR C 157 -22.26 -18.75 -33.62
C TYR C 157 -20.91 -18.19 -33.13
N GLY C 158 -20.77 -18.05 -31.80
CA GLY C 158 -19.51 -17.66 -31.16
C GLY C 158 -18.39 -18.64 -31.46
N GLY C 159 -18.71 -19.95 -31.40
CA GLY C 159 -17.78 -21.02 -31.71
C GLY C 159 -17.37 -21.00 -33.17
N LEU C 160 -18.36 -20.78 -34.05
CA LEU C 160 -18.15 -20.58 -35.48
C LEU C 160 -17.20 -19.38 -35.69
N PHE C 161 -17.44 -18.31 -34.94
CA PHE C 161 -16.64 -17.09 -34.99
C PHE C 161 -15.20 -17.37 -34.56
N ALA C 162 -15.03 -18.16 -33.49
CA ALA C 162 -13.72 -18.51 -32.94
C ALA C 162 -12.92 -19.33 -33.96
N LEU C 163 -13.60 -20.26 -34.64
CA LEU C 163 -12.99 -21.11 -35.68
C LEU C 163 -12.53 -20.23 -36.85
N HIS C 164 -13.38 -19.28 -37.26
CA HIS C 164 -13.07 -18.34 -38.34
C HIS C 164 -11.80 -17.54 -37.99
N ALA C 165 -11.72 -17.08 -36.75
CA ALA C 165 -10.60 -16.31 -36.25
C ALA C 165 -9.31 -17.15 -36.30
N LEU C 166 -9.43 -18.43 -35.92
CA LEU C 166 -8.31 -19.38 -35.93
C LEU C 166 -7.80 -19.58 -37.37
N PHE C 167 -8.74 -19.85 -38.29
CA PHE C 167 -8.41 -20.30 -39.64
C PHE C 167 -7.92 -19.15 -40.52
N THR C 168 -8.22 -17.90 -40.15
CA THR C 168 -7.86 -16.72 -40.97
C THR C 168 -6.85 -15.83 -40.25
N ARG C 169 -6.87 -15.79 -38.91
CA ARG C 169 -5.96 -14.97 -38.11
C ARG C 169 -5.38 -15.80 -36.97
N PRO C 170 -4.62 -16.89 -37.28
CA PRO C 170 -4.15 -17.83 -36.26
C PRO C 170 -3.27 -17.22 -35.16
N SER C 171 -2.52 -16.16 -35.48
CA SER C 171 -1.57 -15.54 -34.56
C SER C 171 -2.25 -14.53 -33.64
N MET C 172 -3.51 -14.18 -33.94
CA MET C 172 -4.25 -13.12 -33.24
C MET C 172 -4.44 -13.51 -31.75
N PHE C 173 -4.75 -14.79 -31.50
CA PHE C 173 -4.95 -15.31 -30.15
C PHE C 173 -4.05 -16.54 -29.93
N ASP C 174 -3.71 -16.79 -28.66
CA ASP C 174 -2.91 -17.95 -28.26
C ASP C 174 -3.80 -19.19 -28.15
N ALA C 175 -5.05 -18.99 -27.71
CA ALA C 175 -6.02 -20.06 -27.53
C ALA C 175 -7.35 -19.69 -28.20
N TYR C 176 -7.99 -20.68 -28.84
CA TYR C 176 -9.32 -20.56 -29.42
C TYR C 176 -10.23 -21.60 -28.77
N ILE C 177 -11.25 -21.13 -28.05
CA ILE C 177 -12.19 -21.99 -27.35
C ILE C 177 -13.55 -21.89 -28.05
N ALA C 178 -13.87 -22.91 -28.86
CA ALA C 178 -15.11 -22.98 -29.62
C ALA C 178 -16.08 -23.95 -28.94
N SER C 179 -17.06 -23.39 -28.21
CA SER C 179 -18.08 -24.16 -27.51
C SER C 179 -19.27 -24.41 -28.43
N SER C 180 -19.63 -25.69 -28.63
CA SER C 180 -20.71 -26.12 -29.50
C SER C 180 -20.75 -25.26 -30.76
N PRO C 181 -19.67 -25.23 -31.57
CA PRO C 181 -19.60 -24.34 -32.73
C PRO C 181 -20.66 -24.71 -33.80
N SER C 182 -21.32 -23.68 -34.35
CA SER C 182 -22.35 -23.85 -35.36
C SER C 182 -21.70 -24.08 -36.72
N ILE C 183 -21.08 -25.25 -36.88
CA ILE C 183 -20.34 -25.64 -38.08
C ILE C 183 -21.34 -25.84 -39.23
N TRP C 184 -22.58 -26.18 -38.89
CA TRP C 184 -23.68 -26.39 -39.85
C TRP C 184 -23.95 -25.14 -40.71
N TRP C 185 -23.70 -23.94 -40.16
CA TRP C 185 -24.16 -22.67 -40.74
C TRP C 185 -23.69 -22.51 -42.20
N ASN C 186 -24.62 -22.07 -43.05
CA ASN C 186 -24.40 -21.72 -44.46
C ASN C 186 -23.68 -22.86 -45.17
N GLY C 187 -24.32 -24.04 -45.17
CA GLY C 187 -23.81 -25.24 -45.84
C GLY C 187 -22.41 -25.62 -45.37
N ARG C 188 -22.14 -25.42 -44.09
CA ARG C 188 -20.88 -25.79 -43.45
C ARG C 188 -19.71 -25.09 -44.15
N CYS C 189 -19.79 -23.77 -44.27
CA CYS C 189 -18.83 -22.98 -45.04
C CYS C 189 -17.50 -22.83 -44.27
N ILE C 190 -17.53 -23.01 -42.95
CA ILE C 190 -16.32 -22.93 -42.10
C ILE C 190 -15.36 -24.08 -42.46
N LEU C 191 -15.88 -25.19 -42.98
CA LEU C 191 -15.05 -26.34 -43.39
C LEU C 191 -14.13 -25.95 -44.54
N ASN C 192 -14.61 -25.09 -45.45
CA ASN C 192 -13.82 -24.60 -46.57
C ASN C 192 -12.62 -23.79 -46.05
N GLU C 193 -12.85 -23.03 -44.97
CA GLU C 193 -11.80 -22.24 -44.32
C GLU C 193 -10.81 -23.16 -43.61
N ALA C 194 -11.32 -24.26 -43.04
CA ALA C 194 -10.49 -25.27 -42.37
C ALA C 194 -9.55 -25.95 -43.38
N LYS C 195 -10.07 -26.25 -44.58
CA LYS C 195 -9.29 -26.85 -45.66
C LYS C 195 -8.18 -25.88 -46.09
N ALA C 196 -8.58 -24.63 -46.40
CA ALA C 196 -7.67 -23.58 -46.86
C ALA C 196 -6.59 -23.30 -45.80
N PHE C 197 -6.96 -23.42 -44.52
CA PHE C 197 -6.04 -23.24 -43.40
C PHE C 197 -4.94 -24.31 -43.43
N THR C 198 -5.32 -25.57 -43.66
CA THR C 198 -4.38 -26.70 -43.66
C THR C 198 -3.52 -26.68 -44.93
N ARG C 199 -4.03 -26.03 -45.99
CA ARG C 199 -3.31 -25.90 -47.27
C ARG C 199 -2.42 -24.64 -47.24
N LYS C 200 -1.41 -24.65 -46.37
CA LYS C 200 -0.33 -23.67 -46.34
C LYS C 200 0.82 -24.21 -45.48
N GLU C 211 3.44 -15.79 -36.59
CA GLU C 211 3.91 -17.14 -36.85
C GLU C 211 5.06 -17.48 -35.90
N LYS C 212 5.28 -16.62 -34.89
CA LYS C 212 6.23 -16.88 -33.81
C LYS C 212 5.65 -17.96 -32.88
N LYS C 213 4.32 -17.92 -32.74
CA LYS C 213 3.56 -18.79 -31.84
C LYS C 213 2.59 -19.64 -32.68
N LEU C 214 2.25 -20.83 -32.16
CA LEU C 214 1.24 -21.70 -32.75
C LEU C 214 0.00 -21.72 -31.84
N PRO C 215 -1.20 -21.42 -32.36
CA PRO C 215 -2.42 -21.39 -31.54
C PRO C 215 -2.92 -22.79 -31.16
N SER C 216 -3.66 -22.86 -30.04
CA SER C 216 -4.30 -24.09 -29.56
C SER C 216 -5.82 -23.95 -29.69
N LEU C 217 -6.46 -24.97 -30.27
CA LEU C 217 -7.91 -25.04 -30.39
C LEU C 217 -8.45 -25.97 -29.28
N MET C 218 -9.46 -25.47 -28.56
CA MET C 218 -10.11 -26.22 -27.49
C MET C 218 -11.63 -26.19 -27.74
N MET C 219 -12.19 -27.36 -28.06
CA MET C 219 -13.60 -27.46 -28.44
C MET C 219 -14.37 -28.28 -27.41
N TYR C 220 -15.67 -27.97 -27.29
CA TYR C 220 -16.56 -28.55 -26.30
C TYR C 220 -17.95 -28.72 -26.91
N LEU C 221 -18.71 -29.70 -26.39
CA LEU C 221 -20.03 -30.03 -26.90
C LEU C 221 -20.88 -30.64 -25.79
N GLY C 222 -22.17 -30.29 -25.79
CA GLY C 222 -23.16 -30.94 -24.95
C GLY C 222 -23.55 -32.28 -25.54
N GLY C 223 -23.58 -33.31 -24.69
CA GLY C 223 -23.88 -34.69 -25.10
C GLY C 223 -25.28 -34.84 -25.65
N LEU C 224 -26.20 -33.97 -25.20
CA LEU C 224 -27.62 -34.05 -25.57
C LEU C 224 -27.89 -33.32 -26.90
N GLU C 225 -26.87 -32.66 -27.48
CA GLU C 225 -27.03 -31.91 -28.72
C GLU C 225 -27.21 -32.90 -29.89
N GLN C 226 -26.21 -33.76 -30.09
CA GLN C 226 -26.25 -34.79 -31.15
C GLN C 226 -27.23 -35.90 -30.75
N ASP C 227 -27.26 -36.23 -29.45
CA ASP C 227 -28.07 -37.34 -28.93
C ASP C 227 -28.94 -36.83 -27.79
N PRO C 228 -30.10 -36.19 -28.09
CA PRO C 228 -31.00 -35.72 -27.04
C PRO C 228 -31.60 -36.90 -26.25
N ARG C 229 -31.93 -36.66 -24.98
CA ARG C 229 -32.68 -37.63 -24.18
C ARG C 229 -34.13 -37.15 -24.06
N ARG C 230 -35.06 -38.11 -24.15
CA ARG C 230 -36.49 -37.84 -24.21
C ARG C 230 -36.95 -37.25 -22.88
N TRP C 231 -37.81 -36.22 -22.96
CA TRP C 231 -38.36 -35.53 -21.80
C TRP C 231 -39.48 -36.39 -21.19
N ASN C 232 -39.90 -36.04 -19.97
CA ASN C 232 -40.87 -36.80 -19.18
C ASN C 232 -42.15 -37.01 -19.99
N ASP C 233 -42.37 -38.27 -20.42
CA ASP C 233 -43.52 -38.68 -21.24
C ASP C 233 -43.72 -37.68 -22.39
N GLU C 234 -42.61 -37.34 -23.06
CA GLU C 234 -42.63 -36.44 -24.21
C GLU C 234 -43.40 -37.11 -25.34
N PRO C 235 -44.39 -36.43 -25.97
CA PRO C 235 -45.13 -37.01 -27.09
C PRO C 235 -44.18 -37.39 -28.25
N ASP C 236 -44.58 -38.39 -29.03
CA ASP C 236 -43.76 -38.96 -30.10
C ASP C 236 -43.35 -37.87 -31.10
N GLU C 237 -44.32 -37.03 -31.49
CA GLU C 237 -44.13 -36.03 -32.55
C GLU C 237 -43.13 -34.95 -32.11
N SER C 238 -43.15 -34.59 -30.82
CA SER C 238 -42.16 -33.67 -30.24
C SER C 238 -40.78 -34.32 -30.24
N TRP C 239 -40.72 -35.58 -29.80
CA TRP C 239 -39.49 -36.37 -29.67
C TRP C 239 -38.84 -36.59 -31.04
N GLU C 240 -39.66 -36.94 -32.04
CA GLU C 240 -39.19 -37.14 -33.42
C GLU C 240 -38.63 -35.83 -33.98
N GLY C 241 -39.30 -34.72 -33.66
CA GLY C 241 -38.88 -33.38 -34.08
C GLY C 241 -37.49 -33.02 -33.57
N ARG C 242 -37.22 -33.34 -32.30
CA ARG C 242 -35.96 -33.00 -31.64
C ARG C 242 -34.83 -33.88 -32.19
N LYS C 243 -35.14 -35.14 -32.52
CA LYS C 243 -34.18 -36.06 -33.13
C LYS C 243 -33.85 -35.60 -34.55
N ARG C 244 -34.86 -35.08 -35.26
CA ARG C 244 -34.72 -34.54 -36.62
C ARG C 244 -33.75 -33.35 -36.59
N ASP C 245 -33.97 -32.42 -35.65
CA ASP C 245 -33.16 -31.23 -35.47
C ASP C 245 -31.70 -31.62 -35.21
N ALA C 246 -31.50 -32.66 -34.39
CA ALA C 246 -30.16 -33.14 -34.02
C ALA C 246 -29.42 -33.66 -35.27
N GLU C 247 -30.15 -34.36 -36.15
CA GLU C 247 -29.61 -34.84 -37.43
C GLU C 247 -29.23 -33.65 -38.32
N ALA C 248 -30.11 -32.63 -38.35
CA ALA C 248 -29.95 -31.45 -39.21
C ALA C 248 -28.72 -30.64 -38.77
N PHE C 249 -28.63 -30.36 -37.47
CA PHE C 249 -27.52 -29.59 -36.91
C PHE C 249 -26.21 -30.42 -36.95
N ASN C 250 -26.32 -31.71 -36.60
CA ASN C 250 -25.20 -32.66 -36.65
C ASN C 250 -23.97 -32.05 -35.96
N MET C 251 -24.16 -31.65 -34.70
CA MET C 251 -23.16 -30.88 -33.97
C MET C 251 -21.90 -31.72 -33.72
N LYS C 252 -22.07 -33.00 -33.38
CA LYS C 252 -20.96 -33.92 -33.08
C LYS C 252 -20.32 -34.37 -34.40
N VAL C 253 -21.15 -34.83 -35.34
CA VAL C 253 -20.69 -35.35 -36.64
C VAL C 253 -19.83 -34.30 -37.34
N ASN C 254 -20.33 -33.06 -37.40
CA ASN C 254 -19.67 -31.96 -38.10
C ASN C 254 -18.37 -31.58 -37.38
N LEU C 255 -18.36 -31.67 -36.05
CA LEU C 255 -17.18 -31.33 -35.23
C LEU C 255 -16.06 -32.34 -35.48
N LEU C 256 -16.40 -33.64 -35.50
CA LEU C 256 -15.42 -34.70 -35.70
C LEU C 256 -14.81 -34.60 -37.11
N GLU C 257 -15.62 -34.26 -38.10
CA GLU C 257 -15.16 -34.09 -39.49
C GLU C 257 -14.19 -32.92 -39.56
N LEU C 258 -14.48 -31.83 -38.83
CA LEU C 258 -13.63 -30.64 -38.76
C LEU C 258 -12.30 -31.00 -38.10
N MET C 259 -12.36 -31.74 -36.98
CA MET C 259 -11.16 -32.23 -36.29
C MET C 259 -10.32 -33.08 -37.26
N GLY C 260 -11.00 -33.96 -38.02
CA GLY C 260 -10.37 -34.82 -39.03
C GLY C 260 -9.54 -34.04 -40.03
N LEU C 261 -10.07 -32.88 -40.46
CA LEU C 261 -9.42 -32.00 -41.43
C LEU C 261 -8.12 -31.42 -40.84
N ILE C 262 -8.18 -30.92 -39.60
CA ILE C 262 -7.15 -30.02 -39.06
C ILE C 262 -6.20 -30.73 -38.08
N ARG C 263 -6.58 -31.91 -37.55
CA ARG C 263 -5.73 -32.62 -36.58
C ARG C 263 -4.43 -33.05 -37.26
N GLY C 264 -3.31 -32.78 -36.59
CA GLY C 264 -1.97 -33.08 -37.10
C GLY C 264 -1.47 -32.03 -38.07
N CYS C 265 -2.18 -30.90 -38.17
CA CYS C 265 -1.73 -29.75 -38.94
C CYS C 265 -0.60 -29.05 -38.18
N THR C 266 0.44 -28.66 -38.90
CA THR C 266 1.68 -28.14 -38.33
C THR C 266 1.49 -26.69 -37.87
N ARG C 267 0.38 -26.07 -38.29
CA ARG C 267 0.05 -24.68 -37.97
C ARG C 267 -0.67 -24.58 -36.61
N LEU C 268 -1.01 -25.73 -36.01
CA LEU C 268 -1.66 -25.78 -34.70
C LEU C 268 -0.71 -26.39 -33.67
N HIS C 269 -0.73 -25.84 -32.45
CA HIS C 269 -0.01 -26.40 -31.31
C HIS C 269 -0.65 -27.73 -30.92
N ALA C 270 -1.97 -27.71 -30.69
CA ALA C 270 -2.75 -28.90 -30.37
C ALA C 270 -4.25 -28.60 -30.54
N VAL C 271 -5.04 -29.67 -30.68
CA VAL C 271 -6.50 -29.60 -30.70
C VAL C 271 -7.03 -30.55 -29.63
N SER C 272 -7.95 -30.03 -28.79
CA SER C 272 -8.62 -30.81 -27.76
C SER C 272 -10.13 -30.77 -28.00
N PHE C 273 -10.81 -31.86 -27.60
CA PHE C 273 -12.25 -31.96 -27.66
C PHE C 273 -12.75 -32.75 -26.44
N SER C 274 -13.77 -32.20 -25.77
CA SER C 274 -14.41 -32.81 -24.62
C SER C 274 -15.93 -32.69 -24.74
N GLU C 275 -16.63 -33.80 -24.49
CA GLU C 275 -18.09 -33.88 -24.56
C GLU C 275 -18.65 -34.03 -23.14
N TYR C 276 -19.66 -33.21 -22.82
CA TYR C 276 -20.34 -33.24 -21.53
C TYR C 276 -21.62 -34.07 -21.64
N ALA C 277 -21.57 -35.31 -21.12
CA ALA C 277 -22.73 -36.20 -21.08
C ALA C 277 -23.80 -35.60 -20.15
N GLY C 278 -25.00 -35.38 -20.69
CA GLY C 278 -26.16 -34.93 -19.92
C GLY C 278 -26.38 -33.42 -19.99
N GLU C 279 -25.49 -32.71 -20.71
CA GLU C 279 -25.61 -31.26 -20.91
C GLU C 279 -26.15 -31.01 -22.32
N ASP C 280 -27.05 -30.02 -22.43
CA ASP C 280 -27.65 -29.62 -23.71
C ASP C 280 -26.95 -28.36 -24.22
N HIS C 281 -27.40 -27.85 -25.36
CA HIS C 281 -26.82 -26.70 -26.04
C HIS C 281 -26.73 -25.49 -25.09
N GLY C 282 -27.73 -25.34 -24.22
CA GLY C 282 -27.83 -24.22 -23.29
C GLY C 282 -26.98 -24.41 -22.04
N THR C 283 -27.10 -25.57 -21.40
CA THR C 283 -26.52 -25.82 -20.06
C THR C 283 -25.00 -26.03 -20.14
N VAL C 284 -24.50 -26.42 -21.32
CA VAL C 284 -23.08 -26.72 -21.51
C VAL C 284 -22.24 -25.44 -21.48
N MET C 285 -22.87 -24.29 -21.75
CA MET C 285 -22.19 -23.01 -21.95
C MET C 285 -21.29 -22.68 -20.74
N ALA C 286 -21.85 -22.80 -19.53
CA ALA C 286 -21.13 -22.50 -18.28
C ALA C 286 -19.99 -23.51 -18.07
N CYS C 287 -20.25 -24.77 -18.43
CA CYS C 287 -19.29 -25.87 -18.26
C CYS C 287 -18.06 -25.64 -19.13
N SER C 288 -18.28 -25.40 -20.43
CA SER C 288 -17.22 -25.27 -21.43
C SER C 288 -16.37 -24.03 -21.16
N LEU C 289 -17.04 -22.91 -20.85
CA LEU C 289 -16.38 -21.64 -20.55
C LEU C 289 -15.50 -21.80 -19.31
N GLY C 290 -16.04 -22.46 -18.27
CA GLY C 290 -15.33 -22.72 -17.02
C GLY C 290 -14.09 -23.59 -17.22
N ARG C 291 -14.28 -24.70 -17.94
CA ARG C 291 -13.22 -25.69 -18.16
C ARG C 291 -12.14 -25.13 -19.07
N GLY C 292 -12.56 -24.49 -20.17
CA GLY C 292 -11.65 -23.88 -21.15
C GLY C 292 -10.81 -22.79 -20.53
N PHE C 293 -11.45 -21.91 -19.76
CA PHE C 293 -10.80 -20.76 -19.14
C PHE C 293 -9.81 -21.22 -18.07
N SER C 294 -10.18 -22.24 -17.30
CA SER C 294 -9.34 -22.78 -16.22
C SER C 294 -8.12 -23.50 -16.80
N THR C 295 -8.34 -24.33 -17.83
CA THR C 295 -7.26 -25.02 -18.55
C THR C 295 -6.28 -24.00 -19.12
N PHE C 296 -6.82 -22.92 -19.70
CA PHE C 296 -6.06 -21.84 -20.31
C PHE C 296 -5.17 -21.16 -19.27
N MET C 297 -5.69 -20.98 -18.05
CA MET C 297 -5.00 -20.30 -16.96
C MET C 297 -3.95 -21.22 -16.33
N GLU C 298 -4.33 -22.48 -16.07
CA GLU C 298 -3.64 -23.34 -15.10
C GLU C 298 -2.74 -24.37 -15.79
N ASP C 299 -3.19 -24.91 -16.94
CA ASP C 299 -2.53 -26.02 -17.60
C ASP C 299 -2.00 -25.58 -18.97
N TRP C 300 -1.25 -24.48 -18.99
CA TRP C 300 -0.66 -23.93 -20.21
C TRP C 300 0.86 -24.16 -20.20
N PRO C 301 1.43 -24.62 -21.32
CA PRO C 301 0.72 -24.98 -22.54
C PRO C 301 0.15 -26.40 -22.46
N VAL C 302 -0.85 -26.68 -23.31
CA VAL C 302 -1.48 -28.01 -23.39
C VAL C 302 -0.48 -28.96 -24.05
N PRO C 303 -0.55 -30.29 -23.77
CA PRO C 303 0.42 -31.24 -24.32
C PRO C 303 0.32 -31.36 -25.84
N ARG C 304 1.48 -31.30 -26.51
CA ARG C 304 1.55 -31.33 -27.97
C ARG C 304 1.44 -32.77 -28.47
N GLU C 305 0.90 -32.92 -29.68
CA GLU C 305 0.82 -34.17 -30.40
C GLU C 305 1.67 -34.04 -31.68
N GLU C 306 2.28 -35.16 -32.10
CA GLU C 306 3.12 -35.20 -33.30
C GLU C 306 2.26 -34.97 -34.56
N SER C 307 2.93 -34.55 -35.64
CA SER C 307 2.32 -34.39 -36.95
C SER C 307 2.53 -35.66 -37.77
N ILE D 5 -20.19 -45.01 38.94
CA ILE D 5 -20.03 -43.77 38.10
C ILE D 5 -18.65 -43.13 38.31
N ASP D 6 -18.03 -43.36 39.47
CA ASP D 6 -16.76 -42.73 39.87
C ASP D 6 -15.56 -43.63 39.49
N LYS D 7 -15.67 -44.37 38.38
CA LYS D 7 -14.65 -45.36 37.98
C LYS D 7 -13.42 -44.60 37.49
N PRO D 8 -12.22 -45.22 37.47
CA PRO D 8 -11.03 -44.59 36.90
C PRO D 8 -11.29 -44.16 35.44
N ALA D 9 -10.95 -42.90 35.13
CA ALA D 9 -11.28 -42.28 33.86
C ALA D 9 -10.06 -41.55 33.28
N VAL D 10 -10.10 -41.35 31.96
CA VAL D 10 -9.14 -40.52 31.23
C VAL D 10 -9.15 -39.12 31.84
N VAL D 11 -7.96 -38.50 31.94
CA VAL D 11 -7.82 -37.09 32.32
C VAL D 11 -7.80 -36.25 31.04
N SER D 12 -8.89 -35.51 30.80
CA SER D 12 -9.03 -34.61 29.66
C SER D 12 -9.12 -33.16 30.16
N LEU D 13 -8.30 -32.29 29.56
CA LEU D 13 -8.22 -30.87 29.92
C LEU D 13 -9.43 -30.12 29.35
N PRO D 14 -10.04 -29.20 30.11
CA PRO D 14 -11.04 -28.27 29.56
C PRO D 14 -10.36 -27.03 28.95
N SER D 15 -11.14 -26.23 28.23
CA SER D 15 -10.68 -24.94 27.67
C SER D 15 -9.33 -25.10 26.97
N SER D 16 -9.21 -26.12 26.12
CA SER D 16 -7.99 -26.43 25.40
C SER D 16 -8.29 -27.34 24.20
N GLU D 17 -7.30 -27.50 23.32
CA GLU D 17 -7.40 -28.35 22.14
C GLU D 17 -6.00 -28.60 21.56
N GLN D 18 -5.93 -29.51 20.59
CA GLN D 18 -4.70 -29.82 19.89
C GLN D 18 -5.02 -30.24 18.44
N PHE D 19 -4.03 -30.08 17.56
CA PHE D 19 -4.13 -30.46 16.16
C PHE D 19 -2.72 -30.56 15.54
N TYR D 20 -2.62 -31.34 14.47
CA TYR D 20 -1.36 -31.56 13.76
C TYR D 20 -1.29 -30.63 12.53
N LEU D 21 -0.10 -30.09 12.26
CA LEU D 21 0.17 -29.26 11.10
C LEU D 21 1.59 -29.56 10.58
N ASN D 22 1.78 -29.36 9.26
CA ASN D 22 3.03 -29.63 8.58
C ASN D 22 3.67 -28.32 8.12
N ASN D 23 4.99 -28.33 7.96
CA ASN D 23 5.76 -27.22 7.40
C ASN D 23 5.97 -27.50 5.90
N SER D 24 6.81 -26.70 5.24
CA SER D 24 7.12 -26.84 3.81
C SER D 24 7.77 -28.19 3.52
N ARG D 25 8.60 -28.67 4.46
CA ARG D 25 9.31 -29.96 4.35
C ARG D 25 8.31 -31.12 4.33
N GLY D 26 7.19 -30.97 5.03
CA GLY D 26 6.18 -32.02 5.19
C GLY D 26 6.29 -32.71 6.54
N GLU D 27 7.17 -32.19 7.41
CA GLU D 27 7.39 -32.70 8.76
C GLU D 27 6.22 -32.26 9.66
N ARG D 28 5.66 -33.21 10.42
CA ARG D 28 4.45 -32.98 11.21
C ARG D 28 4.82 -32.42 12.59
N TYR D 29 3.96 -31.52 13.09
CA TYR D 29 4.13 -30.84 14.37
C TYR D 29 2.81 -30.87 15.15
N LEU D 30 2.88 -31.24 16.43
CA LEU D 30 1.74 -31.20 17.33
C LEU D 30 1.59 -29.79 17.93
N ILE D 31 0.49 -29.11 17.59
CA ILE D 31 0.15 -27.80 18.13
C ILE D 31 -0.91 -27.99 19.22
N GLN D 32 -0.55 -27.57 20.46
CA GLN D 32 -1.44 -27.64 21.61
C GLN D 32 -1.77 -26.21 22.05
N VAL D 33 -3.07 -25.93 22.22
CA VAL D 33 -3.57 -24.60 22.54
C VAL D 33 -4.40 -24.68 23.83
N SER D 34 -4.25 -23.66 24.68
CA SER D 34 -5.07 -23.49 25.88
C SER D 34 -5.35 -22.00 26.11
N TRP D 35 -6.47 -21.74 26.79
CA TRP D 35 -6.97 -20.39 27.07
C TRP D 35 -7.70 -20.42 28.41
N PRO D 36 -8.05 -19.24 29.00
CA PRO D 36 -8.66 -19.21 30.33
C PRO D 36 -9.95 -20.05 30.44
N LEU D 37 -10.18 -20.57 31.65
CA LEU D 37 -11.35 -21.42 31.94
C LEU D 37 -12.62 -20.57 31.97
N HIS D 38 -12.46 -19.26 32.25
CA HIS D 38 -13.59 -18.33 32.45
C HIS D 38 -14.13 -17.83 31.10
N TRP D 39 -13.48 -18.20 29.99
CA TRP D 39 -14.00 -17.96 28.63
C TRP D 39 -15.10 -18.98 28.32
N LYS D 40 -16.07 -18.57 27.50
CA LYS D 40 -17.11 -19.45 26.96
C LYS D 40 -16.81 -19.73 25.49
N ASP D 41 -16.56 -21.00 25.17
CA ASP D 41 -16.02 -21.44 23.88
C ASP D 41 -14.62 -20.83 23.74
N HIS D 42 -14.32 -20.16 22.61
CA HIS D 42 -13.05 -19.49 22.38
C HIS D 42 -13.20 -17.96 22.59
N LYS D 43 -14.34 -17.54 23.15
CA LYS D 43 -14.69 -16.13 23.27
C LYS D 43 -14.40 -15.63 24.69
N PRO D 44 -13.66 -14.51 24.84
CA PRO D 44 -13.57 -13.80 26.13
C PRO D 44 -14.93 -13.40 26.71
N ASP D 45 -15.01 -13.37 28.05
CA ASP D 45 -16.26 -13.16 28.78
C ASP D 45 -16.45 -11.69 29.15
N THR D 46 -15.43 -10.86 28.91
CA THR D 46 -15.44 -9.43 29.28
C THR D 46 -15.41 -8.55 28.02
N ASP D 47 -15.60 -7.25 28.23
CA ASP D 47 -15.55 -6.22 27.19
C ASP D 47 -14.20 -6.26 26.48
N ARG D 48 -13.12 -6.24 27.26
CA ARG D 48 -11.76 -6.25 26.73
C ARG D 48 -11.44 -7.64 26.17
N ASN D 49 -11.27 -7.71 24.84
CA ASN D 49 -11.02 -8.93 24.10
C ASN D 49 -9.54 -8.98 23.67
N ASP D 50 -8.68 -8.21 24.34
CA ASP D 50 -7.27 -8.09 23.98
C ASP D 50 -6.42 -8.82 25.04
N VAL D 51 -5.68 -9.84 24.61
CA VAL D 51 -4.88 -10.68 25.50
C VAL D 51 -3.55 -11.00 24.84
N PRO D 52 -2.46 -11.17 25.64
CA PRO D 52 -1.20 -11.69 25.12
C PRO D 52 -1.25 -13.19 24.78
N LEU D 53 -0.27 -13.65 24.00
CA LEU D 53 -0.15 -15.04 23.57
C LEU D 53 1.32 -15.46 23.66
N ILE D 54 1.57 -16.72 24.05
CA ILE D 54 2.94 -17.24 24.20
C ILE D 54 3.10 -18.49 23.31
N TYR D 55 4.23 -18.55 22.59
CA TYR D 55 4.66 -19.71 21.82
C TYR D 55 5.76 -20.44 22.60
N ILE D 56 5.57 -21.75 22.79
CA ILE D 56 6.54 -22.60 23.49
C ILE D 56 7.02 -23.68 22.52
N VAL D 57 8.34 -23.78 22.34
CA VAL D 57 8.97 -24.89 21.63
C VAL D 57 9.35 -25.97 22.66
N ASP D 58 9.52 -27.21 22.17
CA ASP D 58 9.51 -28.41 23.02
C ASP D 58 8.16 -28.48 23.72
N GLY D 59 7.09 -28.34 22.93
CA GLY D 59 5.72 -28.13 23.39
C GLY D 59 5.20 -29.27 24.27
N ASN D 60 5.64 -30.49 23.96
CA ASN D 60 5.20 -31.70 24.65
C ASN D 60 5.63 -31.66 26.13
N ALA D 61 6.78 -31.04 26.38
CA ALA D 61 7.43 -31.05 27.70
C ALA D 61 6.91 -29.91 28.60
N LEU D 62 6.27 -28.89 28.02
CA LEU D 62 5.99 -27.64 28.75
C LEU D 62 4.54 -27.18 28.64
N PHE D 63 3.70 -27.87 27.85
CA PHE D 63 2.35 -27.37 27.53
C PHE D 63 1.50 -27.31 28.80
N LEU D 64 1.51 -28.40 29.58
CA LEU D 64 0.67 -28.55 30.78
C LEU D 64 1.10 -27.53 31.85
N THR D 65 2.42 -27.29 31.95
CA THR D 65 2.99 -26.35 32.93
C THR D 65 2.47 -24.94 32.66
N ALA D 66 2.50 -24.52 31.40
CA ALA D 66 2.06 -23.18 30.98
C ALA D 66 0.54 -23.05 31.20
N THR D 67 -0.21 -24.07 30.78
CA THR D 67 -1.67 -24.08 30.81
C THR D 67 -2.17 -23.91 32.26
N GLU D 68 -1.60 -24.71 33.18
CA GLU D 68 -2.04 -24.75 34.56
C GLU D 68 -1.60 -23.47 35.28
N ALA D 69 -0.39 -22.98 34.95
CA ALA D 69 0.14 -21.72 35.46
C ALA D 69 -0.82 -20.58 35.10
N LEU D 70 -1.34 -20.60 33.86
CA LEU D 70 -2.31 -19.62 33.36
C LEU D 70 -3.60 -19.69 34.18
N TRP D 71 -4.12 -20.91 34.38
CA TRP D 71 -5.40 -21.13 35.04
C TRP D 71 -5.33 -20.73 36.52
N ARG D 72 -4.19 -21.00 37.16
CA ARG D 72 -3.95 -20.63 38.56
C ARG D 72 -3.96 -19.11 38.72
N ARG D 73 -3.51 -18.40 37.68
CA ARG D 73 -3.25 -16.95 37.74
C ARG D 73 -4.57 -16.15 37.79
N SER D 74 -5.67 -16.76 37.34
CA SER D 74 -6.99 -16.13 37.37
C SER D 74 -7.42 -15.81 38.81
N ALA D 75 -6.89 -16.56 39.78
CA ALA D 75 -7.17 -16.38 41.21
C ALA D 75 -6.34 -15.22 41.79
N ASP D 76 -5.22 -14.89 41.15
CA ASP D 76 -4.25 -13.91 41.67
C ASP D 76 -4.76 -12.49 41.40
N SER D 77 -4.32 -11.55 42.25
CA SER D 77 -4.71 -10.14 42.21
C SER D 77 -4.14 -9.44 40.98
N HIS D 78 -2.95 -9.86 40.54
CA HIS D 78 -2.20 -9.20 39.47
C HIS D 78 -2.60 -9.73 38.09
N TYR D 79 -3.60 -10.62 38.04
CA TYR D 79 -4.09 -11.24 36.81
C TYR D 79 -4.35 -10.15 35.75
N CYS D 80 -3.82 -10.37 34.54
CA CYS D 80 -3.93 -9.41 33.43
C CYS D 80 -5.30 -9.52 32.77
N GLY D 81 -5.99 -10.65 32.99
CA GLY D 81 -7.37 -10.85 32.55
C GLY D 81 -7.52 -11.98 31.56
N GLY D 82 -6.41 -12.44 30.98
CA GLY D 82 -6.42 -13.54 30.02
C GLY D 82 -5.09 -13.72 29.32
N GLY D 83 -4.91 -14.91 28.74
CA GLY D 83 -3.73 -15.26 27.96
C GLY D 83 -3.95 -16.56 27.19
N ILE D 84 -3.25 -16.69 26.06
CA ILE D 84 -3.36 -17.88 25.20
C ILE D 84 -1.99 -18.55 25.10
N VAL D 85 -1.98 -19.87 25.28
CA VAL D 85 -0.77 -20.69 25.22
C VAL D 85 -0.78 -21.47 23.91
N VAL D 86 0.38 -21.53 23.24
CA VAL D 86 0.57 -22.31 22.02
C VAL D 86 1.87 -23.11 22.16
N ALA D 87 1.73 -24.42 22.38
CA ALA D 87 2.87 -25.33 22.50
C ALA D 87 3.13 -26.01 21.14
N ILE D 88 4.35 -25.80 20.62
CA ILE D 88 4.78 -26.36 19.35
C ILE D 88 5.61 -27.62 19.64
N GLY D 89 4.94 -28.77 19.63
CA GLY D 89 5.54 -30.08 19.95
C GLY D 89 5.59 -30.99 18.74
N TYR D 90 5.96 -32.25 18.99
CA TYR D 90 6.10 -33.28 17.96
C TYR D 90 5.13 -34.43 18.23
N PRO D 91 4.77 -35.25 17.21
CA PRO D 91 4.03 -36.49 17.44
C PRO D 91 4.85 -37.48 18.27
N LEU D 92 4.43 -37.68 19.53
CA LEU D 92 5.16 -38.53 20.49
C LEU D 92 4.18 -39.45 21.24
N GLU D 93 3.04 -39.80 20.61
CA GLU D 93 2.07 -40.71 21.20
C GLU D 93 2.64 -42.14 21.21
N GLY D 94 2.83 -42.69 22.42
CA GLY D 94 3.26 -44.08 22.61
C GLY D 94 4.76 -44.23 22.77
N THR D 95 5.52 -43.17 22.44
CA THR D 95 6.98 -43.18 22.52
C THR D 95 7.43 -43.19 23.99
N GLY D 96 6.65 -42.52 24.84
CA GLY D 96 6.94 -42.39 26.26
C GLY D 96 8.07 -41.40 26.52
N LYS D 97 8.10 -40.34 25.71
CA LYS D 97 9.12 -39.29 25.78
C LYS D 97 8.46 -37.93 25.52
N VAL D 98 9.07 -36.87 26.06
CA VAL D 98 8.55 -35.50 25.95
C VAL D 98 9.46 -34.65 25.05
N TYR D 99 10.75 -35.03 24.92
CA TYR D 99 11.68 -34.40 23.97
C TYR D 99 11.88 -35.33 22.77
N HIS D 100 11.82 -34.73 21.57
CA HIS D 100 12.20 -35.38 20.31
C HIS D 100 13.60 -34.90 19.92
N ARG D 101 14.63 -35.61 20.39
CA ARG D 101 16.03 -35.17 20.29
C ARG D 101 16.46 -35.00 18.83
N VAL D 102 15.93 -35.86 17.95
CA VAL D 102 16.23 -35.80 16.52
C VAL D 102 15.66 -34.51 15.93
N ARG D 103 14.34 -34.30 16.11
CA ARG D 103 13.61 -33.19 15.53
C ARG D 103 14.08 -31.87 16.18
N ARG D 104 14.04 -31.82 17.52
CA ARG D 104 14.44 -30.62 18.28
C ARG D 104 15.91 -30.29 18.00
N GLY D 105 16.72 -31.34 17.81
CA GLY D 105 18.13 -31.22 17.44
C GLY D 105 18.31 -30.37 16.20
N PHE D 106 17.51 -30.64 15.17
CA PHE D 106 17.55 -29.92 13.89
C PHE D 106 16.86 -28.55 14.02
N ASP D 107 15.66 -28.56 14.61
CA ASP D 107 14.72 -27.44 14.55
C ASP D 107 15.26 -26.24 15.34
N LEU D 108 15.85 -26.49 16.51
CA LEU D 108 16.18 -25.43 17.47
C LEU D 108 17.64 -24.98 17.33
N THR D 109 18.43 -25.67 16.49
CA THR D 109 19.85 -25.31 16.28
C THR D 109 19.96 -24.21 15.22
N VAL D 110 21.10 -23.52 15.23
CA VAL D 110 21.36 -22.32 14.44
C VAL D 110 21.88 -22.71 13.06
N PRO D 111 21.27 -22.20 11.96
CA PRO D 111 21.86 -22.31 10.63
C PRO D 111 23.26 -21.70 10.51
N THR D 112 24.21 -22.48 9.99
CA THR D 112 25.55 -22.01 9.63
C THR D 112 25.81 -22.42 8.19
N PRO D 113 25.24 -21.70 7.18
CA PRO D 113 25.37 -22.09 5.77
C PRO D 113 26.80 -22.15 5.23
N ASP D 114 27.71 -21.36 5.82
CA ASP D 114 29.14 -21.41 5.50
C ASP D 114 29.67 -22.84 5.75
N SER D 115 29.43 -23.34 6.97
CA SER D 115 29.87 -24.65 7.41
C SER D 115 28.69 -25.41 8.00
N PRO D 116 27.82 -26.03 7.16
CA PRO D 116 26.61 -26.70 7.65
C PRO D 116 26.92 -27.98 8.43
N VAL D 117 26.01 -28.34 9.34
CA VAL D 117 26.12 -29.55 10.16
C VAL D 117 24.82 -30.35 9.98
N GLU D 118 24.97 -31.65 9.68
CA GLU D 118 23.86 -32.50 9.28
C GLU D 118 22.94 -32.75 10.49
N GLY D 119 21.63 -32.60 10.25
CA GLY D 119 20.60 -32.74 11.27
C GLY D 119 20.56 -31.55 12.22
N HIS D 120 21.08 -30.39 11.76
CA HIS D 120 21.09 -29.14 12.53
C HIS D 120 20.83 -27.96 11.59
N GLY D 121 20.47 -26.81 12.19
CA GLY D 121 20.28 -25.55 11.48
C GLY D 121 18.92 -25.47 10.80
N GLY D 122 17.86 -25.82 11.55
CA GLY D 122 16.49 -25.84 11.05
C GLY D 122 15.62 -24.76 11.66
N ALA D 123 16.25 -23.78 12.32
CA ALA D 123 15.55 -22.71 13.03
C ALA D 123 14.75 -21.85 12.05
N ASP D 124 15.36 -21.53 10.90
CA ASP D 124 14.77 -20.63 9.91
C ASP D 124 13.51 -21.25 9.30
N ILE D 125 13.51 -22.58 9.10
CA ILE D 125 12.33 -23.29 8.59
C ILE D 125 11.23 -23.26 9.65
N LEU D 126 11.62 -23.43 10.93
CA LEU D 126 10.68 -23.46 12.04
C LEU D 126 9.97 -22.11 12.17
N LEU D 127 10.74 -21.02 12.06
CA LEU D 127 10.20 -19.66 12.19
C LEU D 127 9.21 -19.37 11.04
N ASP D 128 9.53 -19.85 9.84
CA ASP D 128 8.61 -19.72 8.70
C ASP D 128 7.30 -20.43 9.03
N PHE D 129 7.39 -21.71 9.43
CA PHE D 129 6.21 -22.51 9.77
C PHE D 129 5.35 -21.78 10.81
N ILE D 130 6.00 -21.19 11.83
CA ILE D 130 5.31 -20.45 12.89
C ILE D 130 4.58 -19.25 12.27
N ALA D 131 5.31 -18.49 11.43
CA ALA D 131 4.80 -17.27 10.79
C ALA D 131 3.74 -17.62 9.74
N GLU D 132 4.00 -18.66 8.95
CA GLU D 132 3.21 -19.00 7.77
C GLU D 132 1.91 -19.69 8.19
N THR D 133 2.00 -20.68 9.08
CA THR D 133 0.92 -21.64 9.33
C THR D 133 0.41 -21.55 10.78
N VAL D 134 1.32 -21.66 11.76
CA VAL D 134 0.93 -21.80 13.17
C VAL D 134 0.12 -20.56 13.59
N ARG D 135 0.67 -19.37 13.39
CA ARG D 135 0.07 -18.12 13.85
C ARG D 135 -1.32 -17.95 13.25
N PRO D 136 -1.50 -18.00 11.91
CA PRO D 136 -2.83 -17.84 11.32
C PRO D 136 -3.81 -18.95 11.75
N ALA D 137 -3.31 -20.19 11.88
CA ALA D 137 -4.11 -21.33 12.29
C ALA D 137 -4.65 -21.12 13.72
N VAL D 138 -3.77 -20.70 14.63
CA VAL D 138 -4.15 -20.38 16.01
C VAL D 138 -5.17 -19.24 15.98
N ARG D 139 -4.82 -18.16 15.26
CA ARG D 139 -5.61 -16.94 15.19
C ARG D 139 -6.99 -17.23 14.58
N GLU D 140 -7.03 -18.22 13.67
CA GLU D 140 -8.25 -18.68 13.02
C GLU D 140 -9.24 -19.22 14.06
N ARG D 141 -8.72 -19.90 15.09
CA ARG D 141 -9.52 -20.55 16.13
C ARG D 141 -10.13 -19.51 17.07
N PHE D 142 -9.56 -18.29 17.08
CA PHE D 142 -9.91 -17.25 18.03
C PHE D 142 -10.40 -15.99 17.30
N PRO D 143 -11.60 -16.04 16.66
CA PRO D 143 -12.14 -14.87 15.95
C PRO D 143 -12.63 -13.70 16.81
N ASP D 144 -12.94 -13.95 18.09
CA ASP D 144 -13.57 -12.95 18.97
C ASP D 144 -12.55 -12.38 19.98
N VAL D 145 -11.26 -12.43 19.63
CA VAL D 145 -10.20 -11.93 20.51
C VAL D 145 -9.07 -11.36 19.64
N SER D 146 -8.50 -10.24 20.10
CA SER D 146 -7.36 -9.58 19.47
C SER D 146 -6.09 -9.89 20.27
N VAL D 147 -5.11 -10.52 19.63
CA VAL D 147 -3.83 -10.82 20.27
C VAL D 147 -3.04 -9.52 20.40
N SER D 148 -2.89 -9.06 21.65
CA SER D 148 -2.25 -7.77 21.96
C SER D 148 -0.74 -7.85 21.71
N ARG D 149 -0.14 -9.02 22.00
CA ARG D 149 1.30 -9.23 21.83
C ARG D 149 1.60 -10.73 21.84
N GLU D 150 2.82 -11.07 21.42
CA GLU D 150 3.28 -12.46 21.28
C GLU D 150 4.66 -12.61 21.91
N ALA D 151 4.86 -13.72 22.63
CA ALA D 151 6.14 -14.09 23.21
C ALA D 151 6.58 -15.44 22.65
N LEU D 152 7.90 -15.63 22.53
CA LEU D 152 8.50 -16.92 22.19
C LEU D 152 9.32 -17.42 23.40
N TYR D 153 8.91 -18.56 23.95
CA TYR D 153 9.66 -19.22 25.02
C TYR D 153 10.35 -20.48 24.47
N GLY D 154 11.58 -20.71 24.93
CA GLY D 154 12.31 -21.94 24.68
C GLY D 154 13.36 -22.17 25.75
N HIS D 155 13.57 -23.45 26.09
CA HIS D 155 14.57 -23.86 27.09
C HIS D 155 15.67 -24.68 26.43
N SER D 156 16.91 -24.48 26.89
CA SER D 156 18.10 -25.19 26.42
C SER D 156 18.37 -24.84 24.94
N TYR D 157 18.15 -25.79 24.03
CA TYR D 157 18.18 -25.52 22.59
C TYR D 157 17.07 -24.54 22.22
N GLY D 158 15.96 -24.59 22.97
CA GLY D 158 14.86 -23.63 22.85
C GLY D 158 15.33 -22.20 23.08
N GLY D 159 16.19 -22.01 24.09
CA GLY D 159 16.79 -20.71 24.41
C GLY D 159 17.70 -20.22 23.29
N LEU D 160 18.50 -21.15 22.75
CA LEU D 160 19.35 -20.91 21.57
C LEU D 160 18.47 -20.47 20.40
N PHE D 161 17.33 -21.15 20.23
CA PHE D 161 16.35 -20.89 19.17
C PHE D 161 15.75 -19.49 19.34
N ALA D 162 15.37 -19.14 20.58
CA ALA D 162 14.77 -17.85 20.89
C ALA D 162 15.77 -16.72 20.63
N LEU D 163 17.05 -16.96 20.97
CA LEU D 163 18.12 -15.98 20.78
C LEU D 163 18.40 -15.81 19.28
N HIS D 164 18.35 -16.91 18.52
CA HIS D 164 18.52 -16.86 17.07
C HIS D 164 17.39 -16.05 16.44
N ALA D 165 16.16 -16.33 16.86
CA ALA D 165 14.96 -15.65 16.36
C ALA D 165 15.02 -14.15 16.67
N LEU D 166 15.64 -13.79 17.80
CA LEU D 166 15.80 -12.40 18.22
C LEU D 166 16.80 -11.68 17.30
N PHE D 167 17.99 -12.28 17.14
CA PHE D 167 19.12 -11.60 16.52
C PHE D 167 19.03 -11.60 14.98
N THR D 168 18.08 -12.36 14.41
CA THR D 168 17.86 -12.41 12.97
C THR D 168 16.50 -11.81 12.58
N ARG D 169 15.48 -12.03 13.41
CA ARG D 169 14.11 -11.57 13.13
C ARG D 169 13.53 -10.90 14.37
N PRO D 170 14.07 -9.72 14.78
CA PRO D 170 13.65 -9.08 16.04
C PRO D 170 12.22 -8.52 16.07
N SER D 171 11.56 -8.43 14.91
CA SER D 171 10.22 -7.83 14.79
C SER D 171 9.12 -8.90 14.85
N MET D 172 9.50 -10.19 14.89
CA MET D 172 8.53 -11.29 14.77
C MET D 172 7.67 -11.39 16.03
N PHE D 173 8.31 -11.31 17.21
CA PHE D 173 7.61 -11.36 18.51
C PHE D 173 7.94 -10.11 19.34
N ASP D 174 7.15 -9.89 20.38
CA ASP D 174 7.31 -8.76 21.31
C ASP D 174 8.33 -9.14 22.39
N ALA D 175 8.26 -10.39 22.87
CA ALA D 175 9.12 -10.90 23.94
C ALA D 175 9.85 -12.15 23.45
N TYR D 176 11.13 -12.26 23.83
CA TYR D 176 11.96 -13.43 23.57
C TYR D 176 12.45 -13.98 24.92
N ILE D 177 11.89 -15.13 25.32
CA ILE D 177 12.17 -15.73 26.61
C ILE D 177 13.04 -16.98 26.39
N ALA D 178 14.31 -16.89 26.76
CA ALA D 178 15.30 -17.97 26.60
C ALA D 178 15.75 -18.47 27.99
N SER D 179 15.22 -19.63 28.38
CA SER D 179 15.57 -20.28 29.63
C SER D 179 16.78 -21.19 29.44
N SER D 180 17.87 -20.88 30.16
CA SER D 180 19.10 -21.68 30.13
C SER D 180 19.54 -21.93 28.69
N PRO D 181 19.78 -20.87 27.88
CA PRO D 181 20.09 -21.05 26.46
C PRO D 181 21.44 -21.75 26.25
N SER D 182 21.47 -22.74 25.36
CA SER D 182 22.68 -23.51 25.05
C SER D 182 23.59 -22.67 24.16
N ILE D 183 24.20 -21.64 24.75
CA ILE D 183 25.03 -20.66 24.05
C ILE D 183 26.34 -21.33 23.59
N TRP D 184 26.82 -22.29 24.40
CA TRP D 184 28.05 -23.06 24.15
C TRP D 184 28.08 -23.68 22.74
N TRP D 185 26.90 -24.06 22.23
CA TRP D 185 26.75 -24.92 21.05
C TRP D 185 27.53 -24.37 19.84
N ASN D 186 28.18 -25.30 19.12
CA ASN D 186 28.91 -25.05 17.86
C ASN D 186 29.95 -23.95 18.08
N GLY D 187 30.78 -24.12 19.11
CA GLY D 187 31.83 -23.16 19.47
C GLY D 187 31.28 -21.77 19.73
N ARG D 188 30.12 -21.72 20.40
CA ARG D 188 29.44 -20.48 20.77
C ARG D 188 29.15 -19.65 19.52
N CYS D 189 28.46 -20.27 18.55
CA CYS D 189 28.21 -19.66 17.24
C CYS D 189 27.13 -18.57 17.34
N ILE D 190 26.22 -18.70 18.32
CA ILE D 190 25.13 -17.74 18.54
C ILE D 190 25.70 -16.35 18.82
N LEU D 191 26.89 -16.29 19.43
CA LEU D 191 27.55 -15.03 19.79
C LEU D 191 27.93 -14.25 18.52
N ASN D 192 28.21 -14.96 17.42
CA ASN D 192 28.52 -14.34 16.12
C ASN D 192 27.28 -13.58 15.60
N GLU D 193 26.10 -14.19 15.79
CA GLU D 193 24.83 -13.59 15.36
C GLU D 193 24.50 -12.38 16.25
N ALA D 194 24.87 -12.47 17.54
CA ALA D 194 24.70 -11.38 18.51
C ALA D 194 25.56 -10.17 18.08
N LYS D 195 26.80 -10.44 17.67
CA LYS D 195 27.71 -9.42 17.15
C LYS D 195 27.08 -8.73 15.93
N ALA D 196 26.61 -9.55 14.98
CA ALA D 196 25.99 -9.09 13.74
C ALA D 196 24.77 -8.21 14.03
N PHE D 197 23.99 -8.60 15.05
CA PHE D 197 22.80 -7.88 15.49
C PHE D 197 23.17 -6.46 15.93
N THR D 198 24.23 -6.34 16.73
CA THR D 198 24.66 -5.08 17.33
C THR D 198 25.37 -4.20 16.30
N ARG D 199 26.02 -4.83 15.30
CA ARG D 199 26.79 -4.11 14.27
C ARG D 199 25.85 -3.45 13.26
N LYS D 200 24.68 -4.07 13.03
CA LYS D 200 23.67 -3.49 12.13
C LYS D 200 23.12 -2.21 12.77
N ILE D 201 23.05 -1.14 11.96
CA ILE D 201 22.70 0.22 12.39
C ILE D 201 21.93 0.17 13.70
N GLY D 205 18.56 6.84 14.25
CA GLY D 205 17.37 6.85 15.10
C GLY D 205 17.15 8.21 15.75
N ALA D 206 18.20 9.03 15.81
CA ALA D 206 18.16 10.36 16.44
C ALA D 206 17.27 11.32 15.64
N TYR D 207 17.24 11.15 14.31
CA TYR D 207 16.55 12.07 13.40
C TYR D 207 15.18 11.50 12.98
N THR D 208 14.85 10.28 13.42
CA THR D 208 13.54 9.67 13.17
C THR D 208 12.50 10.29 14.11
N ASN D 209 11.23 9.89 13.94
CA ASN D 209 10.13 10.37 14.79
C ASN D 209 10.04 9.55 16.08
N GLY D 210 10.85 8.48 16.17
CA GLY D 210 11.03 7.72 17.41
C GLY D 210 10.03 6.58 17.55
N GLU D 211 9.11 6.45 16.57
CA GLU D 211 8.08 5.42 16.59
C GLU D 211 8.70 4.08 16.19
N LYS D 212 8.47 3.06 17.02
CA LYS D 212 9.11 1.76 16.85
C LYS D 212 8.46 0.71 17.76
N LYS D 213 8.62 -0.56 17.40
CA LYS D 213 8.37 -1.71 18.26
C LYS D 213 9.70 -2.42 18.52
N LEU D 214 10.27 -2.19 19.71
CA LEU D 214 11.51 -2.85 20.13
C LEU D 214 11.17 -4.08 20.96
N PRO D 215 11.77 -5.25 20.67
CA PRO D 215 11.52 -6.46 21.46
C PRO D 215 12.31 -6.47 22.77
N SER D 216 11.89 -7.32 23.71
CA SER D 216 12.58 -7.52 24.97
C SER D 216 13.09 -8.96 25.06
N LEU D 217 14.30 -9.11 25.62
CA LEU D 217 14.93 -10.41 25.86
C LEU D 217 14.88 -10.70 27.37
N MET D 218 14.31 -11.87 27.72
CA MET D 218 14.15 -12.29 29.11
C MET D 218 14.82 -13.65 29.31
N MET D 219 15.97 -13.65 30.01
CA MET D 219 16.80 -14.84 30.15
C MET D 219 16.77 -15.33 31.61
N TYR D 220 16.90 -16.65 31.77
CA TYR D 220 16.89 -17.31 33.06
C TYR D 220 17.92 -18.44 33.05
N LEU D 221 18.29 -18.91 34.25
CA LEU D 221 19.30 -19.94 34.42
C LEU D 221 19.17 -20.60 35.80
N GLY D 222 19.41 -21.91 35.85
CA GLY D 222 19.52 -22.66 37.09
C GLY D 222 20.89 -22.43 37.74
N GLY D 223 20.88 -22.22 39.05
CA GLY D 223 22.09 -21.92 39.82
C GLY D 223 23.06 -23.08 39.86
N LEU D 224 22.53 -24.31 39.72
CA LEU D 224 23.32 -25.54 39.86
C LEU D 224 23.95 -25.95 38.51
N GLU D 225 23.80 -25.13 37.48
CA GLU D 225 24.35 -25.42 36.15
C GLU D 225 25.84 -25.05 36.12
N GLN D 226 26.16 -23.81 36.52
CA GLN D 226 27.54 -23.33 36.61
C GLN D 226 28.16 -23.81 37.94
N ASP D 227 27.36 -23.80 39.01
CA ASP D 227 27.81 -24.18 40.35
C ASP D 227 27.00 -25.38 40.84
N PRO D 228 27.30 -26.61 40.37
CA PRO D 228 26.56 -27.80 40.80
C PRO D 228 26.91 -28.20 42.24
N ARG D 229 26.05 -29.01 42.85
CA ARG D 229 26.23 -29.49 44.23
C ARG D 229 26.36 -31.02 44.21
N ARG D 230 27.30 -31.52 45.04
CA ARG D 230 27.61 -32.94 45.08
C ARG D 230 26.42 -33.71 45.66
N TRP D 231 26.16 -34.89 45.09
CA TRP D 231 25.00 -35.71 45.42
C TRP D 231 25.35 -36.69 46.55
N ASN D 232 24.31 -37.37 47.06
CA ASN D 232 24.45 -38.39 48.09
C ASN D 232 25.16 -39.61 47.49
N ASP D 233 26.33 -39.93 48.06
CA ASP D 233 27.09 -41.14 47.75
C ASP D 233 27.57 -41.11 46.30
N GLU D 234 27.96 -39.93 45.81
CA GLU D 234 28.48 -39.75 44.45
C GLU D 234 29.98 -40.04 44.47
N PRO D 235 30.47 -41.00 43.64
CA PRO D 235 31.91 -41.25 43.51
C PRO D 235 32.69 -40.01 43.03
N ASP D 236 34.02 -40.06 43.17
CA ASP D 236 34.90 -38.93 42.92
C ASP D 236 34.84 -38.53 41.43
N GLU D 237 34.96 -39.52 40.54
CA GLU D 237 35.13 -39.25 39.10
C GLU D 237 33.81 -38.72 38.50
N SER D 238 32.68 -39.17 39.05
CA SER D 238 31.35 -38.68 38.66
C SER D 238 31.25 -37.18 39.00
N TRP D 239 31.65 -36.82 40.22
CA TRP D 239 31.60 -35.45 40.72
C TRP D 239 32.60 -34.57 39.95
N GLU D 240 33.82 -35.09 39.76
CA GLU D 240 34.86 -34.41 38.97
C GLU D 240 34.35 -34.15 37.55
N GLY D 241 33.59 -35.12 37.02
CA GLY D 241 32.99 -35.03 35.69
C GLY D 241 32.05 -33.84 35.55
N ARG D 242 31.14 -33.68 36.51
CA ARG D 242 30.10 -32.65 36.48
C ARG D 242 30.73 -31.26 36.66
N LYS D 243 31.80 -31.18 37.46
CA LYS D 243 32.58 -29.96 37.64
C LYS D 243 33.26 -29.58 36.31
N ARG D 244 33.79 -30.59 35.62
CA ARG D 244 34.44 -30.43 34.32
C ARG D 244 33.41 -30.02 33.26
N ASP D 245 32.22 -30.63 33.34
CA ASP D 245 31.10 -30.35 32.43
C ASP D 245 30.61 -28.91 32.63
N ALA D 246 30.53 -28.47 33.89
CA ALA D 246 30.04 -27.14 34.26
C ALA D 246 30.95 -26.06 33.66
N GLU D 247 32.27 -26.27 33.76
CA GLU D 247 33.26 -25.35 33.20
C GLU D 247 33.19 -25.37 31.67
N ALA D 248 33.02 -26.58 31.09
CA ALA D 248 33.01 -26.77 29.64
C ALA D 248 31.86 -25.98 28.99
N PHE D 249 30.65 -26.15 29.53
CA PHE D 249 29.44 -25.49 28.99
C PHE D 249 29.46 -24.00 29.31
N ASN D 250 29.90 -23.64 30.53
CA ASN D 250 30.03 -22.25 30.96
C ASN D 250 28.70 -21.52 30.72
N MET D 251 27.61 -22.09 31.26
CA MET D 251 26.25 -21.64 30.98
C MET D 251 26.05 -20.21 31.49
N LYS D 252 26.54 -19.93 32.70
CA LYS D 252 26.48 -18.61 33.32
C LYS D 252 27.46 -17.66 32.61
N VAL D 253 28.70 -18.12 32.42
CA VAL D 253 29.80 -17.34 31.84
C VAL D 253 29.43 -16.91 30.41
N ASN D 254 28.93 -17.85 29.61
CA ASN D 254 28.54 -17.60 28.22
C ASN D 254 27.41 -16.56 28.18
N LEU D 255 26.42 -16.73 29.06
CA LEU D 255 25.24 -15.85 29.12
C LEU D 255 25.67 -14.44 29.53
N LEU D 256 26.59 -14.34 30.50
CA LEU D 256 27.14 -13.07 30.96
C LEU D 256 27.84 -12.35 29.80
N GLU D 257 28.61 -13.10 29.01
CA GLU D 257 29.39 -12.55 27.89
C GLU D 257 28.43 -12.06 26.79
N LEU D 258 27.35 -12.81 26.55
CA LEU D 258 26.31 -12.43 25.59
C LEU D 258 25.68 -11.09 26.01
N MET D 259 25.36 -10.97 27.30
CA MET D 259 24.75 -9.76 27.85
C MET D 259 25.69 -8.56 27.68
N GLY D 260 27.00 -8.80 27.83
CA GLY D 260 28.03 -7.80 27.60
C GLY D 260 28.04 -7.29 26.16
N LEU D 261 27.83 -8.21 25.21
CA LEU D 261 27.75 -7.90 23.77
C LEU D 261 26.57 -6.97 23.47
N ILE D 262 25.39 -7.31 24.02
CA ILE D 262 24.13 -6.66 23.64
C ILE D 262 23.75 -5.55 24.64
N ARG D 263 24.59 -5.30 25.65
CA ARG D 263 24.32 -4.28 26.67
C ARG D 263 24.30 -2.90 26.00
N GLY D 264 23.16 -2.20 26.14
CA GLY D 264 22.98 -0.84 25.63
C GLY D 264 22.70 -0.79 24.13
N CYS D 265 22.30 -1.93 23.56
CA CYS D 265 21.93 -2.02 22.15
C CYS D 265 20.56 -1.37 21.95
N THR D 266 20.50 -0.40 21.02
CA THR D 266 19.32 0.43 20.81
C THR D 266 18.23 -0.34 20.03
N ARG D 267 18.59 -1.52 19.50
CA ARG D 267 17.65 -2.40 18.80
C ARG D 267 16.73 -3.12 19.80
N LEU D 268 17.15 -3.19 21.07
CA LEU D 268 16.42 -3.91 22.13
C LEU D 268 15.77 -2.92 23.10
N HIS D 269 14.56 -3.24 23.54
CA HIS D 269 13.85 -2.46 24.56
C HIS D 269 14.50 -2.68 25.93
N ALA D 270 14.69 -3.95 26.30
CA ALA D 270 15.28 -4.32 27.58
C ALA D 270 15.85 -5.74 27.51
N VAL D 271 16.83 -6.01 28.39
CA VAL D 271 17.40 -7.34 28.60
C VAL D 271 17.37 -7.63 30.10
N SER D 272 16.59 -8.65 30.50
CA SER D 272 16.47 -9.08 31.89
C SER D 272 17.09 -10.46 32.06
N PHE D 273 17.71 -10.69 33.22
CA PHE D 273 18.28 -11.98 33.59
C PHE D 273 18.05 -12.25 35.07
N SER D 274 17.61 -13.48 35.38
CA SER D 274 17.35 -13.93 36.75
C SER D 274 17.86 -15.37 36.93
N GLU D 275 18.69 -15.57 37.95
CA GLU D 275 19.29 -16.86 38.26
C GLU D 275 18.52 -17.49 39.44
N TYR D 276 18.18 -18.78 39.29
CA TYR D 276 17.43 -19.53 40.31
C TYR D 276 18.39 -20.38 41.14
N ALA D 277 18.72 -19.90 42.35
CA ALA D 277 19.55 -20.63 43.30
C ALA D 277 18.86 -21.94 43.68
N GLY D 278 19.60 -23.05 43.55
CA GLY D 278 19.14 -24.38 43.99
C GLY D 278 18.41 -25.16 42.91
N GLU D 279 18.19 -24.53 41.75
CA GLU D 279 17.54 -25.16 40.61
C GLU D 279 18.60 -25.59 39.59
N ASP D 280 18.39 -26.76 38.96
CA ASP D 280 19.29 -27.30 37.95
C ASP D 280 18.69 -27.04 36.56
N HIS D 281 19.35 -27.59 35.53
CA HIS D 281 18.95 -27.40 34.13
C HIS D 281 17.49 -27.86 33.91
N GLY D 282 17.11 -28.95 34.58
CA GLY D 282 15.78 -29.56 34.42
C GLY D 282 14.71 -28.85 35.24
N THR D 283 15.00 -28.61 36.52
CA THR D 283 14.01 -28.12 37.50
C THR D 283 13.67 -26.65 37.26
N VAL D 284 14.62 -25.89 36.67
CA VAL D 284 14.46 -24.44 36.46
C VAL D 284 13.40 -24.17 35.38
N MET D 285 13.11 -25.17 34.54
CA MET D 285 12.28 -25.01 33.35
C MET D 285 10.89 -24.44 33.71
N ALA D 286 10.23 -25.04 34.71
CA ALA D 286 8.89 -24.62 35.14
C ALA D 286 8.96 -23.25 35.83
N CYS D 287 10.09 -22.96 36.48
CA CYS D 287 10.32 -21.68 37.17
C CYS D 287 10.41 -20.54 36.16
N SER D 288 11.25 -20.71 35.13
CA SER D 288 11.53 -19.68 34.13
C SER D 288 10.30 -19.41 33.27
N LEU D 289 9.59 -20.48 32.90
CA LEU D 289 8.38 -20.39 32.07
C LEU D 289 7.30 -19.62 32.82
N GLY D 290 7.08 -19.99 34.10
CA GLY D 290 6.09 -19.37 34.96
C GLY D 290 6.36 -17.88 35.17
N ARG D 291 7.62 -17.55 35.46
CA ARG D 291 8.05 -16.18 35.75
C ARG D 291 8.01 -15.34 34.47
N GLY D 292 8.57 -15.88 33.39
CA GLY D 292 8.63 -15.21 32.09
C GLY D 292 7.25 -14.90 31.54
N PHE D 293 6.34 -15.89 31.63
CA PHE D 293 5.00 -15.79 31.06
C PHE D 293 4.15 -14.80 31.87
N SER D 294 4.31 -14.81 33.20
CA SER D 294 3.54 -13.94 34.09
C SER D 294 4.00 -12.48 33.95
N THR D 295 5.31 -12.27 33.79
CA THR D 295 5.88 -10.95 33.52
C THR D 295 5.32 -10.40 32.20
N PHE D 296 5.30 -11.25 31.18
CA PHE D 296 4.81 -10.90 29.85
C PHE D 296 3.33 -10.48 29.90
N MET D 297 2.56 -11.16 30.77
CA MET D 297 1.13 -10.89 30.93
C MET D 297 0.89 -9.62 31.75
N GLU D 298 1.60 -9.50 32.88
CA GLU D 298 1.19 -8.62 33.98
C GLU D 298 2.06 -7.36 34.08
N ASP D 299 3.36 -7.48 33.78
CA ASP D 299 4.33 -6.40 34.01
C ASP D 299 4.94 -5.95 32.68
N TRP D 300 4.08 -5.74 31.68
CA TRP D 300 4.52 -5.36 30.33
C TRP D 300 4.27 -3.87 30.10
N PRO D 301 5.28 -3.15 29.60
CA PRO D 301 6.59 -3.65 29.23
C PRO D 301 7.55 -3.73 30.43
N VAL D 302 8.63 -4.51 30.26
CA VAL D 302 9.70 -4.64 31.25
C VAL D 302 10.51 -3.34 31.24
N PRO D 303 10.92 -2.80 32.41
CA PRO D 303 11.70 -1.56 32.45
C PRO D 303 13.06 -1.72 31.76
N ARG D 304 13.56 -0.62 31.19
CA ARG D 304 14.76 -0.62 30.35
C ARG D 304 15.98 -0.84 31.24
N GLU D 305 16.03 -0.11 32.37
CA GLU D 305 16.95 -0.38 33.47
C GLU D 305 18.39 -0.47 32.94
C1 GOL E . 21.89 11.96 9.79
O1 GOL E . 22.80 13.06 9.89
C2 GOL E . 20.49 12.49 9.50
O2 GOL E . 20.53 13.36 8.38
C3 GOL E . 19.53 11.33 9.22
O3 GOL E . 19.82 10.77 7.93
C1 GOL F . 10.89 7.57 21.27
O1 GOL F . 11.72 6.63 20.59
C2 GOL F . 9.76 6.82 22.01
O2 GOL F . 9.48 7.51 23.23
C3 GOL F . 8.50 6.73 21.15
O3 GOL F . 8.11 5.36 20.94
#